data_6YKN
#
_entry.id   6YKN
#
_cell.length_a   49.004
_cell.length_b   81.749
_cell.length_c   226.099
_cell.angle_alpha   90.000
_cell.angle_beta   90.000
_cell.angle_gamma   90.000
#
_symmetry.space_group_name_H-M   'P 21 21 21'
#
loop_
_entity.id
_entity.type
_entity.pdbx_description
1 polymer 'Leucine--tRNA ligase'
2 non-polymer 1,2-ETHANEDIOL
3 non-polymer '[(2~{R},3~{S},4~{S},5~{R})-5-[3-[4-(aminomethyl)-1,2,3-triazol-1-yl]propyl]-3,4-bis(oxidanyl)oxan-2-yl]methyl ~{N}-[(2~{S})-2-azanyl-4-methyl-pentanoyl]sulfamate'
4 non-polymer 'MAGNESIUM ION'
5 non-polymer 'ZINC ION'
6 water water
#
_entity_poly.entity_id   1
_entity_poly.type   'polypeptide(L)'
_entity_poly.pdbx_seq_one_letter_code
;GMQEHYQPAAIEPAAQKKWDDARISNVSEDASKPKYYCLSMFPYPSGKLHMGHVRNYTIGDVLSRFKLLNGFNVMQPMGW
DAFGMPAENAAMKNNVAPAAWTYDNIEYMKTQLKSLGFAVDWEREVATCKPEYYRWEQWLFTKLFEKGIVYRKNGTVNWD
PVDQTVLANEQVIDGRGWRSGALIEKREIPMYYFKITDYAEELLNDLDKLEHWPEQVKTMQRNWIGKSRGMTVRFAVSDD
SKQGLEGDYAKFLQVYTTRPDTLMGATYVAVAAEHPLATAAAADKPELQAFIAECKAGSVAEADMATMEKKGVPTGRYVV
NPLNGDKLEVWIANYVLWGYGDGAVMAVPAHDERDFEFAAKYNLPKKQVIAVGDNAFDANRWQEWYGDKENGVLVNSGDL
DGLDFQTAFDAVAAKLQSQGAGEPKTQYRLRDWGISRQRYWGCPIPIVHCEKCGNVPVPADQLPVVLPENVVPDGMGSPL
AKMPEFYETSCPCCGGAAKRETDTMDTFIESSWYFFRYMSPKFSDGMVSAESAKYWGAVDQYIGGIEHAILHLLYARFFT
KLMRDEGLVNVDEPFERLLTQGMVVCETYYRENDKGGKDWINPADVELTFDDKGRPVSAVLKADGLPVVISGTEKMSKSK
NNGVDPQELINAYGADTARLFMMFAAPPEQSLEWSDSGVEGAHRFLRRLWRTVYEYLKQGGAVKAFAGNQDGLSKELKDL
RHKLHSTTAKVSDDYGRRQQFNTAIAAVMELLNQYDKTDTGSEQGRAVAQEVLEAAVRLLWPIVPHICETLWSELNGAKL
WEAGWPTVDEAALVKSEIEVMVQVNGKLRGKITVAADASKADLEAAALANEGAVKFMEGKPAKKIIVVPGRLVNIVV
;
_entity_poly.pdbx_strand_id   A
#
# COMPACT_ATOMS: atom_id res chain seq x y z
N MET A 2 -36.31 15.95 22.78
CA MET A 2 -34.91 15.54 22.77
C MET A 2 -34.46 15.02 24.14
N GLN A 3 -33.96 13.78 24.16
CA GLN A 3 -33.46 13.20 25.40
C GLN A 3 -32.26 13.99 25.90
N GLU A 4 -32.18 14.14 27.22
CA GLU A 4 -31.10 14.94 27.82
C GLU A 4 -29.75 14.24 27.66
N HIS A 5 -29.73 12.92 27.78
CA HIS A 5 -28.49 12.16 27.80
C HIS A 5 -28.24 11.47 26.48
N TYR A 6 -26.97 11.46 26.06
CA TYR A 6 -26.58 10.89 24.78
C TYR A 6 -26.60 9.37 24.87
N GLN A 7 -27.51 8.74 24.14
CA GLN A 7 -27.61 7.28 24.06
C GLN A 7 -27.44 6.85 22.61
N PRO A 8 -26.24 6.39 22.21
CA PRO A 8 -26.02 6.10 20.79
C PRO A 8 -26.82 4.92 20.28
N ALA A 9 -27.16 3.96 21.14
CA ALA A 9 -27.90 2.78 20.69
C ALA A 9 -29.27 3.13 20.13
N ALA A 10 -29.81 4.30 20.46
CA ALA A 10 -31.10 4.73 19.94
C ALA A 10 -30.98 5.62 18.71
N ILE A 11 -29.91 6.41 18.60
CA ILE A 11 -29.80 7.36 17.51
C ILE A 11 -29.02 6.82 16.31
N GLU A 12 -28.17 5.82 16.50
CA GLU A 12 -27.40 5.30 15.37
C GLU A 12 -28.25 4.47 14.41
N PRO A 13 -29.10 3.54 14.87
CA PRO A 13 -29.92 2.80 13.90
C PRO A 13 -30.91 3.69 13.16
N ALA A 14 -31.52 4.66 13.84
CA ALA A 14 -32.48 5.54 13.18
C ALA A 14 -31.81 6.39 12.11
N ALA A 15 -30.61 6.91 12.41
CA ALA A 15 -29.90 7.71 11.41
C ALA A 15 -29.52 6.88 10.19
N GLN A 16 -29.21 5.60 10.40
CA GLN A 16 -28.86 4.74 9.27
C GLN A 16 -30.06 4.50 8.36
N LYS A 17 -31.24 4.30 8.94
CA LYS A 17 -32.43 4.14 8.11
C LYS A 17 -32.76 5.43 7.35
N LYS A 18 -32.51 6.58 7.97
CA LYS A 18 -32.74 7.85 7.30
C LYS A 18 -31.85 8.00 6.07
N TRP A 19 -30.62 7.48 6.15
CA TRP A 19 -29.72 7.52 5.01
C TRP A 19 -30.08 6.46 3.97
N ASP A 20 -30.50 5.28 4.43
CA ASP A 20 -30.87 4.23 3.48
C ASP A 20 -32.18 4.57 2.77
N ASP A 21 -33.13 5.17 3.49
CA ASP A 21 -34.39 5.57 2.85
C ASP A 21 -34.15 6.68 1.83
N ALA A 22 -33.28 7.63 2.15
CA ALA A 22 -32.95 8.70 1.21
C ALA A 22 -32.07 8.22 0.07
N ARG A 23 -31.42 7.06 0.23
CA ARG A 23 -30.57 6.48 -0.82
C ARG A 23 -29.50 7.46 -1.27
N ILE A 24 -28.95 8.21 -0.32
CA ILE A 24 -27.94 9.21 -0.66
C ILE A 24 -26.62 8.58 -1.06
N SER A 25 -26.37 7.33 -0.66
CA SER A 25 -25.13 6.65 -0.98
C SER A 25 -25.21 5.84 -2.27
N ASN A 26 -26.41 5.55 -2.75
CA ASN A 26 -26.61 4.77 -3.98
C ASN A 26 -26.56 5.75 -5.15
N VAL A 27 -25.37 5.96 -5.69
CA VAL A 27 -25.16 6.99 -6.71
C VAL A 27 -25.24 6.38 -8.11
N SER A 28 -25.36 7.24 -9.11
CA SER A 28 -25.52 6.84 -10.49
C SER A 28 -24.56 7.63 -11.38
N GLU A 29 -24.50 7.25 -12.65
CA GLU A 29 -23.68 7.95 -13.64
C GLU A 29 -24.47 9.17 -14.14
N ASP A 30 -24.62 10.15 -13.25
CA ASP A 30 -25.39 11.36 -13.53
C ASP A 30 -24.43 12.49 -13.88
N ALA A 31 -24.56 13.00 -15.10
CA ALA A 31 -23.69 14.05 -15.62
C ALA A 31 -24.05 15.44 -15.10
N SER A 32 -24.91 15.54 -14.09
CA SER A 32 -25.27 16.83 -13.51
C SER A 32 -24.32 17.24 -12.40
N LYS A 33 -24.07 16.34 -11.45
CA LYS A 33 -23.15 16.59 -10.34
C LYS A 33 -21.76 16.05 -10.67
N PRO A 34 -20.71 16.74 -10.24
CA PRO A 34 -19.35 16.24 -10.50
C PRO A 34 -19.07 14.98 -9.69
N LYS A 35 -18.38 14.04 -10.33
CA LYS A 35 -18.13 12.74 -9.73
C LYS A 35 -16.94 12.78 -8.77
N TYR A 36 -16.95 11.87 -7.80
CA TYR A 36 -15.80 11.64 -6.94
C TYR A 36 -15.79 10.17 -6.55
N TYR A 37 -14.66 9.52 -6.78
CA TYR A 37 -14.50 8.08 -6.56
C TYR A 37 -13.53 7.89 -5.41
N CYS A 38 -14.06 7.61 -4.22
CA CYS A 38 -13.26 7.33 -3.03
C CYS A 38 -13.32 5.83 -2.75
N LEU A 39 -12.16 5.19 -2.75
CA LEU A 39 -12.08 3.74 -2.67
C LEU A 39 -11.13 3.32 -1.55
N SER A 40 -11.60 2.42 -0.69
CA SER A 40 -10.76 1.75 0.29
C SER A 40 -10.53 0.31 -0.15
N MET A 41 -9.35 -0.21 0.16
CA MET A 41 -8.99 -1.57 -0.24
C MET A 41 -9.96 -2.57 0.37
N PHE A 42 -10.61 -3.35 -0.49
CA PHE A 42 -11.63 -4.29 -0.02
C PHE A 42 -10.98 -5.42 0.77
N PRO A 43 -11.65 -5.91 1.82
CA PRO A 43 -11.00 -6.83 2.75
C PRO A 43 -11.16 -8.29 2.35
N TYR A 44 -10.37 -9.14 2.99
CA TYR A 44 -10.58 -10.58 2.92
C TYR A 44 -11.72 -10.96 3.86
N PRO A 45 -12.73 -11.69 3.38
CA PRO A 45 -13.76 -12.19 4.31
C PRO A 45 -13.20 -13.24 5.26
N SER A 46 -12.43 -12.80 6.25
CA SER A 46 -11.74 -13.70 7.17
C SER A 46 -12.59 -14.09 8.37
N GLY A 47 -13.78 -13.51 8.53
CA GLY A 47 -14.63 -13.82 9.66
C GLY A 47 -15.15 -12.60 10.38
N LYS A 48 -14.26 -11.85 11.01
CA LYS A 48 -14.62 -10.64 11.74
C LYS A 48 -13.74 -9.49 11.28
N LEU A 49 -14.25 -8.27 11.45
CA LEU A 49 -13.44 -7.09 11.25
C LEU A 49 -12.48 -6.91 12.42
N HIS A 50 -11.29 -6.37 12.12
CA HIS A 50 -10.34 -5.99 13.14
C HIS A 50 -10.17 -4.46 13.13
N MET A 51 -9.39 -3.96 14.09
CA MET A 51 -9.23 -2.52 14.22
C MET A 51 -8.59 -1.91 12.98
N GLY A 52 -7.78 -2.67 12.26
CA GLY A 52 -7.21 -2.18 11.01
C GLY A 52 -8.26 -1.93 9.95
N HIS A 53 -9.33 -2.73 9.95
CA HIS A 53 -10.43 -2.51 9.03
C HIS A 53 -11.17 -1.22 9.37
N VAL A 54 -11.47 -1.02 10.66
CA VAL A 54 -12.26 0.14 11.07
C VAL A 54 -11.51 1.44 10.75
N ARG A 55 -10.19 1.44 10.96
CA ARG A 55 -9.42 2.65 10.68
C ARG A 55 -9.41 2.96 9.18
N ASN A 56 -9.19 1.94 8.35
CA ASN A 56 -9.09 2.17 6.91
C ASN A 56 -10.42 2.65 6.33
N TYR A 57 -11.53 2.10 6.81
CA TYR A 57 -12.83 2.41 6.23
C TYR A 57 -13.50 3.63 6.88
N THR A 58 -13.05 4.02 8.08
CA THR A 58 -13.48 5.31 8.62
C THR A 58 -12.77 6.46 7.91
N ILE A 59 -11.48 6.27 7.61
CA ILE A 59 -10.73 7.28 6.85
C ILE A 59 -11.38 7.50 5.49
N GLY A 60 -11.76 6.41 4.80
CA GLY A 60 -12.42 6.54 3.53
C GLY A 60 -13.79 7.17 3.64
N ASP A 61 -14.48 6.96 4.76
CA ASP A 61 -15.81 7.51 4.94
C ASP A 61 -15.78 9.00 5.27
N VAL A 62 -14.77 9.45 6.02
CA VAL A 62 -14.63 10.87 6.29
C VAL A 62 -14.37 11.63 5.00
N LEU A 63 -13.50 11.11 4.15
CA LEU A 63 -13.23 11.73 2.86
C LEU A 63 -14.46 11.70 1.96
N SER A 64 -15.27 10.65 2.06
CA SER A 64 -16.45 10.52 1.20
C SER A 64 -17.57 11.46 1.65
N ARG A 65 -17.87 11.47 2.95
CA ARG A 65 -18.93 12.34 3.45
C ARG A 65 -18.55 13.82 3.29
N PHE A 66 -17.26 14.14 3.37
CA PHE A 66 -16.83 15.52 3.17
C PHE A 66 -17.03 15.94 1.71
N LYS A 67 -16.63 15.10 0.77
CA LYS A 67 -16.83 15.41 -0.64
C LYS A 67 -18.32 15.45 -1.00
N LEU A 68 -19.13 14.61 -0.35
CA LEU A 68 -20.57 14.64 -0.60
C LEU A 68 -21.18 15.94 -0.10
N LEU A 69 -20.76 16.39 1.09
CA LEU A 69 -21.27 17.65 1.63
C LEU A 69 -20.88 18.84 0.77
N ASN A 70 -19.88 18.70 -0.09
CA ASN A 70 -19.47 19.76 -1.01
C ASN A 70 -20.10 19.62 -2.38
N GLY A 71 -21.07 18.73 -2.54
CA GLY A 71 -21.84 18.64 -3.77
C GLY A 71 -21.32 17.67 -4.80
N PHE A 72 -20.47 16.73 -4.43
CA PHE A 72 -19.94 15.76 -5.37
C PHE A 72 -20.83 14.52 -5.44
N ASN A 73 -20.87 13.92 -6.63
CA ASN A 73 -21.49 12.61 -6.81
C ASN A 73 -20.46 11.56 -6.38
N VAL A 74 -20.60 11.06 -5.17
CA VAL A 74 -19.55 10.30 -4.50
C VAL A 74 -19.87 8.81 -4.58
N MET A 75 -18.95 8.03 -5.13
CA MET A 75 -19.05 6.58 -5.15
C MET A 75 -18.06 6.01 -4.15
N GLN A 76 -18.59 5.39 -3.09
CA GLN A 76 -17.79 4.67 -2.10
C GLN A 76 -18.25 3.22 -2.10
N PRO A 77 -17.67 2.37 -2.95
CA PRO A 77 -18.10 0.98 -3.05
C PRO A 77 -17.42 0.08 -2.03
N MET A 78 -17.93 -1.14 -1.95
CA MET A 78 -17.40 -2.13 -1.01
C MET A 78 -17.51 -3.51 -1.63
N GLY A 79 -16.55 -4.38 -1.31
CA GLY A 79 -16.54 -5.71 -1.84
C GLY A 79 -15.74 -6.64 -0.97
N TRP A 80 -15.42 -7.81 -1.52
CA TRP A 80 -14.77 -8.86 -0.76
C TRP A 80 -13.72 -9.57 -1.61
N ASP A 81 -12.49 -9.60 -1.10
CA ASP A 81 -11.40 -10.36 -1.73
C ASP A 81 -11.48 -11.80 -1.20
N ALA A 82 -12.38 -12.57 -1.81
CA ALA A 82 -12.86 -13.82 -1.23
C ALA A 82 -11.94 -15.02 -1.47
N PHE A 83 -11.14 -15.02 -2.53
CA PHE A 83 -10.25 -16.14 -2.80
C PHE A 83 -8.98 -16.03 -1.97
N GLY A 84 -8.51 -17.17 -1.47
CA GLY A 84 -7.31 -17.19 -0.68
C GLY A 84 -7.19 -18.46 0.14
N MET A 85 -6.01 -18.64 0.72
CA MET A 85 -5.67 -19.79 1.55
C MET A 85 -6.42 -19.86 2.88
N PRO A 86 -6.68 -18.74 3.57
CA PRO A 86 -7.43 -18.83 4.84
C PRO A 86 -8.73 -19.62 4.73
N ALA A 87 -9.42 -19.56 3.60
CA ALA A 87 -10.63 -20.35 3.45
C ALA A 87 -10.32 -21.84 3.35
N GLU A 88 -9.19 -22.20 2.72
CA GLU A 88 -8.83 -23.62 2.64
C GLU A 88 -8.37 -24.15 3.98
N ASN A 89 -7.65 -23.33 4.76
CA ASN A 89 -7.17 -23.79 6.06
C ASN A 89 -8.34 -24.00 7.03
N ALA A 90 -9.27 -23.05 7.08
CA ALA A 90 -10.46 -23.23 7.91
C ALA A 90 -11.30 -24.40 7.42
N ALA A 91 -11.24 -24.69 6.10
CA ALA A 91 -11.94 -25.85 5.58
C ALA A 91 -11.35 -27.15 6.11
N MET A 92 -10.02 -27.22 6.20
CA MET A 92 -9.39 -28.42 6.76
C MET A 92 -9.57 -28.48 8.27
N LYS A 93 -9.64 -27.33 8.94
CA LYS A 93 -9.75 -27.32 10.39
C LYS A 93 -11.15 -27.73 10.84
N ASN A 94 -12.17 -27.03 10.36
CA ASN A 94 -13.54 -27.21 10.82
C ASN A 94 -14.36 -28.14 9.94
N ASN A 95 -13.76 -28.72 8.91
CA ASN A 95 -14.44 -29.69 8.02
C ASN A 95 -15.68 -29.07 7.38
N VAL A 96 -15.46 -27.96 6.69
CA VAL A 96 -16.51 -27.25 5.96
C VAL A 96 -15.98 -26.87 4.59
N ALA A 97 -16.88 -26.38 3.74
CA ALA A 97 -16.48 -25.97 2.41
C ALA A 97 -15.94 -24.54 2.45
N PRO A 98 -14.86 -24.25 1.71
CA PRO A 98 -14.34 -22.88 1.68
C PRO A 98 -15.35 -21.86 1.19
N ALA A 99 -16.24 -22.24 0.27
CA ALA A 99 -17.28 -21.33 -0.20
C ALA A 99 -18.28 -21.04 0.92
N ALA A 100 -18.75 -22.09 1.59
CA ALA A 100 -19.68 -21.90 2.70
C ALA A 100 -19.04 -21.09 3.83
N TRP A 101 -17.78 -21.38 4.14
CA TRP A 101 -17.07 -20.61 5.15
C TRP A 101 -16.90 -19.14 4.73
N THR A 102 -16.78 -18.89 3.43
CA THR A 102 -16.59 -17.53 2.95
C THR A 102 -17.89 -16.73 3.01
N TYR A 103 -19.00 -17.33 2.53
CA TYR A 103 -20.26 -16.61 2.43
C TYR A 103 -20.87 -16.28 3.79
N ASP A 104 -20.53 -17.04 4.83
CA ASP A 104 -21.00 -16.69 6.17
C ASP A 104 -20.18 -15.56 6.77
N ASN A 105 -18.88 -15.51 6.48
CA ASN A 105 -18.07 -14.39 6.94
C ASN A 105 -18.48 -13.09 6.25
N ILE A 106 -18.85 -13.17 4.96
CA ILE A 106 -19.26 -11.97 4.23
C ILE A 106 -20.53 -11.39 4.84
N GLU A 107 -21.54 -12.24 5.07
CA GLU A 107 -22.81 -11.74 5.58
C GLU A 107 -22.71 -11.25 7.02
N TYR A 108 -21.72 -11.73 7.78
CA TYR A 108 -21.52 -11.21 9.13
C TYR A 108 -20.71 -9.92 9.11
N MET A 109 -19.60 -9.91 8.35
CA MET A 109 -18.79 -8.69 8.25
C MET A 109 -19.55 -7.57 7.58
N LYS A 110 -20.54 -7.90 6.74
CA LYS A 110 -21.38 -6.87 6.14
C LYS A 110 -22.25 -6.21 7.20
N THR A 111 -22.72 -6.98 8.19
CA THR A 111 -23.51 -6.40 9.27
C THR A 111 -22.66 -5.48 10.13
N GLN A 112 -21.40 -5.85 10.36
CA GLN A 112 -20.50 -4.99 11.13
C GLN A 112 -20.24 -3.67 10.41
N LEU A 113 -20.02 -3.73 9.09
CA LEU A 113 -19.77 -2.51 8.32
C LEU A 113 -20.99 -1.60 8.30
N LYS A 114 -22.18 -2.17 8.12
CA LYS A 114 -23.39 -1.35 8.09
C LYS A 114 -23.69 -0.76 9.46
N SER A 115 -23.27 -1.43 10.54
CA SER A 115 -23.49 -0.89 11.87
C SER A 115 -22.61 0.33 12.14
N LEU A 116 -21.41 0.35 11.55
CA LEU A 116 -20.52 1.50 11.72
C LEU A 116 -21.00 2.74 10.98
N GLY A 117 -21.99 2.61 10.11
CA GLY A 117 -22.55 3.77 9.44
C GLY A 117 -21.72 4.31 8.31
N PHE A 118 -21.06 3.45 7.55
CA PHE A 118 -20.28 3.89 6.41
C PHE A 118 -21.20 4.18 5.23
N ALA A 119 -20.98 5.32 4.57
CA ALA A 119 -21.79 5.72 3.41
C ALA A 119 -21.31 4.94 2.20
N VAL A 120 -21.80 3.72 2.08
CA VAL A 120 -21.34 2.76 1.07
C VAL A 120 -22.51 2.44 0.14
N ASP A 121 -22.25 2.46 -1.17
CA ASP A 121 -23.23 2.06 -2.17
C ASP A 121 -23.24 0.54 -2.23
N TRP A 122 -24.12 -0.08 -1.44
CA TRP A 122 -24.17 -1.53 -1.36
C TRP A 122 -24.77 -2.18 -2.60
N GLU A 123 -25.43 -1.40 -3.47
CA GLU A 123 -25.90 -1.92 -4.74
C GLU A 123 -24.77 -2.11 -5.75
N ARG A 124 -23.52 -1.81 -5.36
CA ARG A 124 -22.35 -2.05 -6.18
C ARG A 124 -21.43 -3.11 -5.56
N GLU A 125 -21.94 -3.87 -4.60
CA GLU A 125 -21.11 -4.86 -3.90
C GLU A 125 -20.73 -5.99 -4.83
N VAL A 126 -19.45 -6.38 -4.80
CA VAL A 126 -18.95 -7.50 -5.57
C VAL A 126 -18.34 -8.53 -4.63
N ALA A 127 -18.19 -9.75 -5.13
CA ALA A 127 -17.54 -10.83 -4.40
C ALA A 127 -16.72 -11.62 -5.40
N THR A 128 -15.40 -11.66 -5.19
CA THR A 128 -14.50 -12.20 -6.20
C THR A 128 -14.66 -13.71 -6.39
N CYS A 129 -15.25 -14.41 -5.43
CA CYS A 129 -15.43 -15.86 -5.56
C CYS A 129 -16.68 -16.23 -6.36
N LYS A 130 -17.45 -15.25 -6.81
CA LYS A 130 -18.62 -15.60 -7.62
C LYS A 130 -18.24 -15.69 -9.09
N PRO A 131 -18.82 -16.64 -9.82
CA PRO A 131 -18.51 -16.77 -11.26
C PRO A 131 -18.85 -15.52 -12.06
N GLU A 132 -19.82 -14.72 -11.61
CA GLU A 132 -20.15 -13.49 -12.32
C GLU A 132 -19.05 -12.44 -12.23
N TYR A 133 -18.05 -12.65 -11.38
CA TYR A 133 -16.90 -11.75 -11.31
C TYR A 133 -15.68 -12.33 -12.00
N TYR A 134 -15.20 -13.49 -11.57
CA TYR A 134 -13.95 -14.00 -12.11
C TYR A 134 -14.06 -14.51 -13.53
N ARG A 135 -15.26 -14.52 -14.12
CA ARG A 135 -15.38 -14.88 -15.53
C ARG A 135 -14.66 -13.88 -16.42
N TRP A 136 -14.51 -12.63 -15.95
CA TRP A 136 -13.94 -11.58 -16.78
C TRP A 136 -12.43 -11.50 -16.68
N GLU A 137 -11.83 -11.97 -15.59
CA GLU A 137 -10.38 -12.12 -15.58
C GLU A 137 -9.96 -13.39 -16.31
N GLN A 138 -10.83 -14.41 -16.33
CA GLN A 138 -10.62 -15.53 -17.24
C GLN A 138 -10.74 -15.08 -18.69
N TRP A 139 -11.63 -14.13 -18.97
CA TRP A 139 -11.79 -13.62 -20.32
C TRP A 139 -10.55 -12.84 -20.76
N LEU A 140 -10.07 -11.94 -19.90
CA LEU A 140 -8.86 -11.19 -20.22
C LEU A 140 -7.65 -12.12 -20.32
N PHE A 141 -7.64 -13.21 -19.55
CA PHE A 141 -6.57 -14.19 -19.66
C PHE A 141 -6.49 -14.77 -21.07
N THR A 142 -7.63 -15.20 -21.62
CA THR A 142 -7.64 -15.83 -22.93
C THR A 142 -7.22 -14.83 -24.02
N LYS A 143 -7.62 -13.57 -23.89
CA LYS A 143 -7.21 -12.56 -24.86
C LYS A 143 -5.70 -12.34 -24.82
N LEU A 144 -5.16 -12.09 -23.63
CA LEU A 144 -3.72 -11.88 -23.52
C LEU A 144 -2.93 -13.16 -23.75
N PHE A 145 -3.56 -14.33 -23.66
CA PHE A 145 -2.86 -15.57 -23.94
C PHE A 145 -2.64 -15.77 -25.44
N GLU A 146 -3.65 -15.44 -26.25
CA GLU A 146 -3.49 -15.56 -27.69
C GLU A 146 -2.56 -14.49 -28.25
N LYS A 147 -2.41 -13.37 -27.55
CA LYS A 147 -1.47 -12.32 -27.95
C LYS A 147 -0.05 -12.59 -27.50
N GLY A 148 0.17 -13.62 -26.68
CA GLY A 148 1.48 -13.91 -26.14
C GLY A 148 1.83 -13.15 -24.88
N ILE A 149 1.00 -12.18 -24.47
CA ILE A 149 1.25 -11.46 -23.23
C ILE A 149 1.17 -12.41 -22.04
N VAL A 150 0.28 -13.39 -22.11
CA VAL A 150 0.28 -14.51 -21.18
C VAL A 150 0.83 -15.73 -21.92
N TYR A 151 1.83 -16.36 -21.34
CA TYR A 151 2.48 -17.50 -21.97
C TYR A 151 2.77 -18.57 -20.95
N ARG A 152 3.00 -19.79 -21.44
CA ARG A 152 3.28 -20.96 -20.62
C ARG A 152 4.74 -21.32 -20.75
N LYS A 153 5.40 -21.56 -19.61
CA LYS A 153 6.83 -21.82 -19.60
C LYS A 153 7.17 -22.64 -18.36
N ASN A 154 8.18 -23.50 -18.49
CA ASN A 154 8.63 -24.30 -17.35
C ASN A 154 9.26 -23.40 -16.30
N GLY A 155 8.90 -23.64 -15.04
CA GLY A 155 9.48 -22.91 -13.92
C GLY A 155 9.81 -23.84 -12.78
N THR A 156 10.58 -23.31 -11.83
CA THR A 156 11.05 -24.06 -10.68
C THR A 156 10.30 -23.62 -9.43
N VAL A 157 9.77 -24.59 -8.68
CA VAL A 157 9.04 -24.34 -7.45
C VAL A 157 9.60 -25.23 -6.35
N ASN A 158 9.13 -24.98 -5.12
CA ASN A 158 9.50 -25.77 -3.96
C ASN A 158 8.35 -26.71 -3.62
N TRP A 159 8.63 -28.01 -3.59
CA TRP A 159 7.62 -29.03 -3.33
C TRP A 159 7.85 -29.64 -1.96
N ASP A 160 6.82 -29.61 -1.11
CA ASP A 160 6.86 -30.27 0.19
C ASP A 160 6.36 -31.69 0.03
N PRO A 161 7.23 -32.71 0.15
CA PRO A 161 6.78 -34.09 -0.09
C PRO A 161 5.97 -34.69 1.05
N VAL A 162 5.75 -33.96 2.14
CA VAL A 162 4.97 -34.45 3.26
C VAL A 162 3.61 -33.77 3.34
N ASP A 163 3.56 -32.45 3.12
CA ASP A 163 2.28 -31.76 3.03
C ASP A 163 1.67 -31.84 1.64
N GLN A 164 2.42 -32.31 0.63
CA GLN A 164 1.90 -32.54 -0.71
C GLN A 164 1.36 -31.25 -1.33
N THR A 165 2.19 -30.21 -1.34
CA THR A 165 1.80 -28.94 -1.93
C THR A 165 3.04 -28.10 -2.19
N VAL A 166 2.86 -27.06 -3.01
CA VAL A 166 3.94 -26.14 -3.34
C VAL A 166 4.04 -25.08 -2.26
N LEU A 167 5.26 -24.66 -1.96
CA LEU A 167 5.52 -23.63 -0.96
C LEU A 167 6.32 -22.49 -1.58
N ALA A 168 5.97 -21.26 -1.19
CA ALA A 168 6.76 -20.11 -1.58
C ALA A 168 8.07 -20.08 -0.78
N ASN A 169 9.01 -19.26 -1.25
CA ASN A 169 10.29 -19.15 -0.56
C ASN A 169 10.12 -18.68 0.87
N GLU A 170 9.07 -17.89 1.15
CA GLU A 170 8.86 -17.39 2.50
C GLU A 170 8.36 -18.47 3.44
N GLN A 171 7.90 -19.60 2.91
CA GLN A 171 7.42 -20.71 3.73
C GLN A 171 8.46 -21.81 3.90
N VAL A 172 9.71 -21.54 3.56
CA VAL A 172 10.80 -22.51 3.68
C VAL A 172 11.78 -21.98 4.72
N ILE A 173 12.15 -22.85 5.67
CA ILE A 173 13.02 -22.48 6.79
C ILE A 173 14.17 -23.48 6.81
N ASP A 174 15.37 -23.02 6.44
CA ASP A 174 16.58 -23.85 6.47
C ASP A 174 16.42 -25.10 5.62
N GLY A 175 15.71 -24.98 4.50
CA GLY A 175 15.53 -26.07 3.58
C GLY A 175 14.35 -26.98 3.86
N ARG A 176 13.50 -26.63 4.81
CA ARG A 176 12.38 -27.47 5.20
C ARG A 176 11.07 -26.68 5.16
N GLY A 177 9.97 -27.41 5.06
CA GLY A 177 8.67 -26.78 5.08
C GLY A 177 8.35 -26.17 6.44
N TRP A 178 7.55 -25.10 6.41
CA TRP A 178 7.26 -24.37 7.64
C TRP A 178 6.37 -25.18 8.59
N ARG A 179 5.46 -25.98 8.05
CA ARG A 179 4.55 -26.79 8.86
C ARG A 179 5.00 -28.24 8.98
N SER A 180 5.31 -28.89 7.85
CA SER A 180 5.71 -30.28 7.90
C SER A 180 7.09 -30.46 8.52
N GLY A 181 8.00 -29.52 8.24
CA GLY A 181 9.37 -29.66 8.69
C GLY A 181 10.21 -30.60 7.85
N ALA A 182 9.73 -31.00 6.67
CA ALA A 182 10.45 -31.91 5.80
C ALA A 182 11.19 -31.14 4.72
N LEU A 183 12.28 -31.74 4.23
CA LEU A 183 13.10 -31.10 3.21
C LEU A 183 12.30 -30.91 1.92
N ILE A 184 12.31 -29.69 1.40
CA ILE A 184 11.59 -29.39 0.18
C ILE A 184 12.40 -29.83 -1.03
N GLU A 185 11.71 -30.09 -2.14
CA GLU A 185 12.33 -30.52 -3.39
C GLU A 185 12.12 -29.47 -4.45
N LYS A 186 13.19 -29.10 -5.14
CA LYS A 186 13.10 -28.19 -6.28
C LYS A 186 12.59 -28.97 -7.49
N ARG A 187 11.43 -28.58 -8.00
CA ARG A 187 10.81 -29.24 -9.13
C ARG A 187 10.59 -28.27 -10.28
N GLU A 188 10.69 -28.77 -11.50
CA GLU A 188 10.52 -27.98 -12.71
C GLU A 188 9.16 -28.34 -13.30
N ILE A 189 8.19 -27.45 -13.14
CA ILE A 189 6.82 -27.69 -13.62
C ILE A 189 6.40 -26.57 -14.57
N PRO A 190 5.54 -26.84 -15.54
CA PRO A 190 5.08 -25.77 -16.45
C PRO A 190 4.06 -24.88 -15.77
N MET A 191 4.25 -23.56 -15.90
CA MET A 191 3.38 -22.57 -15.30
C MET A 191 3.11 -21.47 -16.33
N TYR A 192 2.24 -20.54 -15.95
CA TYR A 192 1.84 -19.44 -16.81
C TYR A 192 2.41 -18.12 -16.27
N TYR A 193 2.66 -17.18 -17.17
CA TYR A 193 3.31 -15.93 -16.82
C TYR A 193 2.66 -14.77 -17.56
N PHE A 194 2.52 -13.64 -16.86
CA PHE A 194 2.24 -12.37 -17.51
C PHE A 194 3.55 -11.77 -18.01
N LYS A 195 3.54 -11.28 -19.24
CA LYS A 195 4.75 -10.66 -19.81
C LYS A 195 4.83 -9.19 -19.37
N ILE A 196 4.92 -9.02 -18.05
CA ILE A 196 4.94 -7.67 -17.48
C ILE A 196 6.20 -6.91 -17.86
N THR A 197 7.26 -7.62 -18.25
CA THR A 197 8.48 -6.95 -18.68
C THR A 197 8.30 -6.16 -19.97
N ASP A 198 7.30 -6.52 -20.79
CA ASP A 198 7.01 -5.74 -21.99
C ASP A 198 6.45 -4.36 -21.66
N TYR A 199 5.95 -4.16 -20.44
CA TYR A 199 5.40 -2.89 -20.01
C TYR A 199 6.28 -2.21 -18.95
N ALA A 200 7.54 -2.62 -18.83
CA ALA A 200 8.40 -2.12 -17.77
C ALA A 200 8.69 -0.63 -17.94
N GLU A 201 9.09 -0.22 -19.14
CA GLU A 201 9.38 1.19 -19.37
C GLU A 201 8.13 2.05 -19.22
N GLU A 202 6.96 1.49 -19.52
CA GLU A 202 5.72 2.23 -19.38
C GLU A 202 5.29 2.35 -17.91
N LEU A 203 5.46 1.28 -17.13
CA LEU A 203 5.11 1.34 -15.72
C LEU A 203 6.09 2.19 -14.92
N LEU A 204 7.31 2.34 -15.42
CA LEU A 204 8.32 3.13 -14.71
C LEU A 204 8.12 4.63 -14.97
N ASN A 205 7.95 5.02 -16.23
CA ASN A 205 7.88 6.44 -16.56
C ASN A 205 6.55 7.05 -16.14
N ASP A 206 5.47 6.26 -16.16
CA ASP A 206 4.16 6.80 -15.79
C ASP A 206 4.06 7.13 -14.31
N LEU A 207 4.99 6.66 -13.48
CA LEU A 207 5.02 7.07 -12.07
C LEU A 207 5.25 8.57 -11.92
N ASP A 208 5.87 9.22 -12.91
CA ASP A 208 6.06 10.65 -12.86
C ASP A 208 4.75 11.42 -13.02
N LYS A 209 3.72 10.79 -13.57
CA LYS A 209 2.41 11.42 -13.66
C LYS A 209 1.73 11.53 -12.29
N LEU A 210 2.14 10.70 -11.34
CA LEU A 210 1.46 10.61 -10.04
C LEU A 210 2.05 11.67 -9.11
N GLU A 211 1.61 12.92 -9.33
CA GLU A 211 2.06 14.03 -8.50
C GLU A 211 1.44 14.02 -7.11
N HIS A 212 0.44 13.18 -6.87
CA HIS A 212 -0.21 13.09 -5.57
C HIS A 212 0.01 11.73 -4.90
N TRP A 213 1.06 11.03 -5.27
CA TRP A 213 1.41 9.80 -4.58
C TRP A 213 2.52 10.07 -3.57
N PRO A 214 2.57 9.31 -2.47
CA PRO A 214 3.71 9.41 -1.56
C PRO A 214 5.01 9.11 -2.31
N GLU A 215 6.00 9.98 -2.10
CA GLU A 215 7.25 9.87 -2.86
C GLU A 215 7.96 8.55 -2.57
N GLN A 216 7.73 7.96 -1.39
CA GLN A 216 8.37 6.69 -1.08
C GLN A 216 7.74 5.53 -1.83
N VAL A 217 6.42 5.58 -2.08
CA VAL A 217 5.77 4.53 -2.84
C VAL A 217 6.26 4.54 -4.28
N LYS A 218 6.34 5.72 -4.89
CA LYS A 218 6.90 5.84 -6.23
C LYS A 218 8.36 5.42 -6.26
N THR A 219 9.11 5.70 -5.19
CA THR A 219 10.51 5.28 -5.12
C THR A 219 10.62 3.77 -5.03
N MET A 220 9.77 3.13 -4.23
CA MET A 220 9.83 1.67 -4.08
C MET A 220 9.47 0.95 -5.38
N GLN A 221 8.56 1.52 -6.17
CA GLN A 221 8.21 0.88 -7.43
C GLN A 221 9.32 1.03 -8.46
N ARG A 222 10.06 2.14 -8.42
CA ARG A 222 11.17 2.31 -9.36
C ARG A 222 12.29 1.32 -9.08
N ASN A 223 12.60 1.10 -7.80
CA ASN A 223 13.64 0.12 -7.46
C ASN A 223 13.21 -1.30 -7.80
N TRP A 224 11.91 -1.61 -7.68
CA TRP A 224 11.44 -2.95 -8.00
C TRP A 224 11.55 -3.21 -9.49
N ILE A 225 11.14 -2.25 -10.33
CA ILE A 225 11.35 -2.37 -11.77
C ILE A 225 12.84 -2.44 -12.07
N GLY A 226 13.62 -1.59 -11.42
CA GLY A 226 15.07 -1.66 -11.48
C GLY A 226 15.67 -1.48 -12.86
N LYS A 227 15.27 -0.41 -13.56
CA LYS A 227 15.88 -0.10 -14.83
C LYS A 227 17.32 0.35 -14.63
N SER A 228 18.20 -0.10 -15.53
CA SER A 228 19.60 0.28 -15.47
C SER A 228 20.15 0.34 -16.88
N ARG A 229 20.94 1.38 -17.16
CA ARG A 229 21.62 1.54 -18.44
C ARG A 229 23.10 1.29 -18.20
N GLY A 230 23.59 0.16 -18.69
CA GLY A 230 24.97 -0.25 -18.46
C GLY A 230 25.65 -0.64 -19.76
N MET A 231 26.47 -1.68 -19.67
CA MET A 231 27.29 -2.11 -20.79
C MET A 231 27.50 -3.61 -20.72
N THR A 232 27.37 -4.27 -21.87
CA THR A 232 27.78 -5.66 -22.00
C THR A 232 29.27 -5.72 -22.28
N VAL A 233 29.99 -6.55 -21.53
CA VAL A 233 31.43 -6.68 -21.67
C VAL A 233 31.78 -8.16 -21.81
N ARG A 234 32.67 -8.47 -22.75
CA ARG A 234 33.06 -9.85 -23.03
C ARG A 234 34.54 -10.01 -22.71
N PHE A 235 34.84 -10.89 -21.76
CA PHE A 235 36.21 -11.21 -21.36
C PHE A 235 36.61 -12.51 -22.04
N ALA A 236 37.68 -12.46 -22.84
CA ALA A 236 38.13 -13.65 -23.54
C ALA A 236 38.70 -14.67 -22.56
N VAL A 237 38.33 -15.94 -22.75
CA VAL A 237 38.83 -17.01 -21.91
C VAL A 237 40.27 -17.33 -22.29
N SER A 238 41.15 -17.42 -21.29
CA SER A 238 42.53 -17.77 -21.54
C SER A 238 42.64 -19.19 -22.10
N ASP A 239 43.75 -19.46 -22.78
CA ASP A 239 43.93 -20.77 -23.42
C ASP A 239 43.99 -21.90 -22.41
N ASP A 240 44.49 -21.64 -21.20
CA ASP A 240 44.61 -22.66 -20.18
C ASP A 240 43.32 -22.90 -19.40
N SER A 241 42.19 -22.35 -19.86
CA SER A 241 40.93 -22.47 -19.14
C SER A 241 39.77 -22.91 -20.01
N LYS A 242 40.00 -23.22 -21.28
CA LYS A 242 38.94 -23.62 -22.20
C LYS A 242 38.55 -25.09 -22.08
N GLN A 243 39.04 -25.79 -21.06
CA GLN A 243 38.79 -27.22 -20.92
C GLN A 243 37.34 -27.46 -20.48
N GLY A 244 36.61 -28.22 -21.29
CA GLY A 244 35.23 -28.58 -20.97
C GLY A 244 34.19 -27.58 -21.42
N LEU A 245 34.57 -26.52 -22.12
CA LEU A 245 33.64 -25.49 -22.56
C LEU A 245 33.31 -25.69 -24.04
N GLU A 246 32.08 -25.34 -24.40
CA GLU A 246 31.60 -25.46 -25.77
C GLU A 246 30.90 -24.18 -26.19
N GLY A 247 30.78 -23.99 -27.50
CA GLY A 247 30.10 -22.83 -28.03
C GLY A 247 30.88 -21.55 -27.77
N ASP A 248 30.13 -20.46 -27.56
CA ASP A 248 30.75 -19.18 -27.26
C ASP A 248 31.33 -19.12 -25.85
N TYR A 249 30.96 -20.06 -24.97
CA TYR A 249 31.52 -20.09 -23.64
C TYR A 249 32.99 -20.51 -23.63
N ALA A 250 33.44 -21.22 -24.67
CA ALA A 250 34.85 -21.52 -24.81
C ALA A 250 35.63 -20.34 -25.37
N LYS A 251 34.96 -19.37 -25.96
CA LYS A 251 35.62 -18.22 -26.54
C LYS A 251 35.73 -17.05 -25.58
N PHE A 252 34.66 -16.75 -24.84
CA PHE A 252 34.66 -15.61 -23.94
C PHE A 252 33.67 -15.83 -22.81
N LEU A 253 33.82 -15.02 -21.76
CA LEU A 253 32.85 -14.91 -20.68
C LEU A 253 32.22 -13.54 -20.75
N GLN A 254 30.91 -13.50 -20.95
CA GLN A 254 30.18 -12.25 -21.15
C GLN A 254 29.49 -11.84 -19.86
N VAL A 255 29.63 -10.56 -19.50
CA VAL A 255 29.03 -10.01 -18.28
C VAL A 255 28.30 -8.72 -18.62
N TYR A 256 27.49 -8.26 -17.67
CA TYR A 256 26.81 -6.98 -17.74
C TYR A 256 27.20 -6.15 -16.52
N THR A 257 27.47 -4.87 -16.74
CA THR A 257 27.83 -3.98 -15.64
C THR A 257 27.21 -2.61 -15.89
N THR A 258 26.79 -1.96 -14.80
CA THR A 258 26.25 -0.62 -14.86
C THR A 258 27.32 0.45 -14.69
N ARG A 259 28.56 0.07 -14.42
CA ARG A 259 29.66 1.01 -14.22
C ARG A 259 30.86 0.58 -15.05
N PRO A 260 30.76 0.69 -16.39
CA PRO A 260 31.91 0.34 -17.24
C PRO A 260 33.02 1.38 -17.21
N ASP A 261 32.80 2.54 -16.56
CA ASP A 261 33.89 3.49 -16.36
C ASP A 261 34.95 2.94 -15.41
N THR A 262 34.64 1.90 -14.66
CA THR A 262 35.57 1.27 -13.74
C THR A 262 36.06 -0.08 -14.24
N LEU A 263 35.96 -0.33 -15.55
CA LEU A 263 36.42 -1.60 -16.10
C LEU A 263 37.91 -1.80 -15.88
N MET A 264 38.68 -0.70 -15.85
CA MET A 264 40.11 -0.79 -15.57
C MET A 264 40.41 -1.22 -14.14
N GLY A 265 39.41 -1.26 -13.26
CA GLY A 265 39.56 -1.64 -11.88
C GLY A 265 39.03 -3.03 -11.54
N ALA A 266 38.70 -3.84 -12.54
CA ALA A 266 38.21 -5.19 -12.27
C ALA A 266 39.35 -6.08 -11.80
N THR A 267 39.21 -6.64 -10.60
CA THR A 267 40.23 -7.52 -10.04
C THR A 267 39.89 -8.99 -10.15
N TYR A 268 38.63 -9.33 -10.42
CA TYR A 268 38.20 -10.71 -10.60
C TYR A 268 36.77 -10.67 -11.13
N VAL A 269 36.30 -11.83 -11.58
CA VAL A 269 34.92 -11.98 -12.07
C VAL A 269 34.25 -13.08 -11.27
N ALA A 270 32.92 -13.10 -11.35
CA ALA A 270 32.11 -14.07 -10.61
C ALA A 270 31.01 -14.59 -11.52
N VAL A 271 30.71 -15.88 -11.40
CA VAL A 271 29.69 -16.54 -12.19
C VAL A 271 28.70 -17.23 -11.26
N ALA A 272 27.51 -17.49 -11.78
CA ALA A 272 26.48 -18.19 -11.04
C ALA A 272 26.81 -19.69 -10.97
N ALA A 273 26.13 -20.38 -10.05
CA ALA A 273 26.38 -21.81 -9.87
C ALA A 273 25.98 -22.61 -11.09
N GLU A 274 25.00 -22.13 -11.86
CA GLU A 274 24.53 -22.82 -13.05
C GLU A 274 25.28 -22.39 -14.31
N HIS A 275 26.27 -21.52 -14.20
CA HIS A 275 26.98 -21.04 -15.37
C HIS A 275 27.86 -22.15 -15.94
N PRO A 276 28.01 -22.23 -17.27
CA PRO A 276 28.86 -23.29 -17.85
C PRO A 276 30.29 -23.25 -17.37
N LEU A 277 30.86 -22.05 -17.16
CA LEU A 277 32.21 -21.97 -16.61
C LEU A 277 32.28 -22.57 -15.21
N ALA A 278 31.20 -22.43 -14.43
CA ALA A 278 31.17 -23.07 -13.12
C ALA A 278 31.05 -24.58 -13.25
N THR A 279 30.31 -25.06 -14.25
CA THR A 279 30.15 -26.50 -14.43
C THR A 279 31.43 -27.15 -14.91
N ALA A 280 32.14 -26.50 -15.85
CA ALA A 280 33.38 -27.07 -16.35
C ALA A 280 34.48 -27.07 -15.30
N ALA A 281 34.49 -26.08 -14.41
CA ALA A 281 35.48 -26.04 -13.35
C ALA A 281 35.19 -27.05 -12.24
N ALA A 282 33.91 -27.30 -11.96
CA ALA A 282 33.51 -28.24 -10.92
C ALA A 282 33.56 -29.70 -11.38
N ALA A 283 34.14 -29.97 -12.55
CA ALA A 283 34.11 -31.33 -13.09
C ALA A 283 34.92 -32.29 -12.23
N ASP A 284 36.03 -31.83 -11.66
CA ASP A 284 36.92 -32.69 -10.89
C ASP A 284 37.22 -32.18 -9.49
N LYS A 285 36.67 -31.03 -9.10
CA LYS A 285 36.88 -30.46 -7.77
C LYS A 285 35.62 -30.60 -6.95
N PRO A 286 35.54 -31.55 -6.01
CA PRO A 286 34.30 -31.74 -5.24
C PRO A 286 33.91 -30.54 -4.40
N GLU A 287 34.86 -29.68 -4.04
CA GLU A 287 34.51 -28.49 -3.26
C GLU A 287 33.62 -27.54 -4.06
N LEU A 288 33.83 -27.46 -5.38
CA LEU A 288 32.96 -26.63 -6.20
C LEU A 288 31.61 -27.30 -6.43
N GLN A 289 31.58 -28.64 -6.50
CA GLN A 289 30.32 -29.35 -6.67
C GLN A 289 29.40 -29.12 -5.48
N ALA A 290 29.96 -29.16 -4.26
CA ALA A 290 29.15 -28.92 -3.07
C ALA A 290 28.67 -27.48 -3.00
N PHE A 291 29.50 -26.53 -3.45
CA PHE A 291 29.09 -25.14 -3.45
C PHE A 291 27.96 -24.90 -4.45
N ILE A 292 28.03 -25.54 -5.62
CA ILE A 292 26.96 -25.42 -6.60
C ILE A 292 25.68 -26.06 -6.05
N ALA A 293 25.81 -27.18 -5.35
CA ALA A 293 24.62 -27.84 -4.81
C ALA A 293 23.97 -27.00 -3.72
N GLU A 294 24.78 -26.36 -2.87
CA GLU A 294 24.22 -25.52 -1.81
C GLU A 294 23.52 -24.31 -2.39
N CYS A 295 24.05 -23.75 -3.48
CA CYS A 295 23.40 -22.61 -4.12
C CYS A 295 22.06 -23.00 -4.73
N LYS A 296 22.01 -24.18 -5.38
CA LYS A 296 20.75 -24.62 -5.99
C LYS A 296 19.71 -24.95 -4.92
N ALA A 297 20.13 -25.52 -3.80
CA ALA A 297 19.19 -25.89 -2.75
C ALA A 297 18.67 -24.70 -1.96
N GLY A 298 19.23 -23.51 -2.16
CA GLY A 298 18.77 -22.35 -1.42
C GLY A 298 17.40 -21.87 -1.87
N SER A 299 16.73 -21.17 -0.96
CA SER A 299 15.39 -20.64 -1.21
C SER A 299 15.28 -19.24 -0.61
N VAL A 300 16.24 -18.38 -0.93
CA VAL A 300 16.30 -17.03 -0.36
C VAL A 300 15.28 -16.16 -1.07
N ALA A 301 14.31 -15.64 -0.31
CA ALA A 301 13.36 -14.69 -0.87
C ALA A 301 14.05 -13.36 -1.15
N GLU A 302 13.60 -12.69 -2.22
CA GLU A 302 14.24 -11.45 -2.64
C GLU A 302 14.11 -10.34 -1.61
N ALA A 303 13.11 -10.42 -0.71
CA ALA A 303 13.04 -9.48 0.39
C ALA A 303 14.20 -9.64 1.36
N ASP A 304 14.90 -10.78 1.32
CA ASP A 304 16.07 -11.02 2.14
C ASP A 304 17.30 -11.35 1.30
N MET A 305 17.24 -11.10 -0.02
CA MET A 305 18.33 -11.52 -0.91
C MET A 305 19.60 -10.74 -0.63
N ALA A 306 19.49 -9.43 -0.41
CA ALA A 306 20.66 -8.60 -0.10
C ALA A 306 21.17 -8.79 1.31
N THR A 307 20.38 -9.38 2.21
CA THR A 307 20.76 -9.57 3.61
C THR A 307 21.40 -10.93 3.86
N MET A 308 21.66 -11.72 2.83
CA MET A 308 22.31 -13.00 3.01
C MET A 308 23.82 -12.85 2.86
N GLU A 309 24.54 -13.78 3.48
CA GLU A 309 26.00 -13.73 3.45
C GLU A 309 26.51 -14.14 2.07
N LYS A 310 27.27 -13.24 1.44
CA LYS A 310 27.85 -13.53 0.13
C LYS A 310 29.04 -14.48 0.29
N LYS A 311 29.06 -15.54 -0.50
CA LYS A 311 30.12 -16.53 -0.42
C LYS A 311 30.54 -16.90 -1.84
N GLY A 312 31.77 -17.41 -1.96
CA GLY A 312 32.31 -17.75 -3.26
C GLY A 312 33.45 -18.75 -3.16
N VAL A 313 33.76 -19.35 -4.31
CA VAL A 313 34.87 -20.29 -4.41
C VAL A 313 35.65 -19.99 -5.70
N PRO A 314 36.97 -20.06 -5.69
CA PRO A 314 37.73 -19.88 -6.93
C PRO A 314 37.67 -21.11 -7.81
N THR A 315 37.68 -20.88 -9.12
CA THR A 315 37.54 -21.95 -10.11
C THR A 315 38.85 -22.42 -10.69
N GLY A 316 39.91 -21.61 -10.64
CA GLY A 316 41.14 -21.90 -11.35
C GLY A 316 41.11 -21.53 -12.81
N ARG A 317 39.99 -21.08 -13.35
CA ARG A 317 39.89 -20.60 -14.72
C ARG A 317 40.13 -19.10 -14.75
N TYR A 318 40.59 -18.60 -15.90
CA TYR A 318 40.97 -17.20 -16.04
C TYR A 318 40.40 -16.62 -17.31
N VAL A 319 39.97 -15.36 -17.24
CA VAL A 319 39.55 -14.59 -18.40
C VAL A 319 40.45 -13.37 -18.51
N VAL A 320 40.36 -12.70 -19.66
CA VAL A 320 41.24 -11.59 -19.99
C VAL A 320 40.41 -10.31 -20.13
N ASN A 321 40.79 -9.29 -19.38
CA ASN A 321 40.15 -7.98 -19.48
C ASN A 321 40.39 -7.39 -20.88
N PRO A 322 39.34 -7.08 -21.64
CA PRO A 322 39.54 -6.63 -23.02
C PRO A 322 40.14 -5.24 -23.16
N LEU A 323 40.39 -4.53 -22.06
CA LEU A 323 40.95 -3.18 -22.13
C LEU A 323 42.41 -3.11 -21.73
N ASN A 324 42.82 -3.77 -20.65
CA ASN A 324 44.21 -3.77 -20.23
C ASN A 324 44.89 -5.13 -20.32
N GLY A 325 44.15 -6.18 -20.67
CA GLY A 325 44.74 -7.49 -20.86
C GLY A 325 45.04 -8.27 -19.60
N ASP A 326 44.62 -7.78 -18.44
CA ASP A 326 44.88 -8.49 -17.20
C ASP A 326 44.15 -9.83 -17.17
N LYS A 327 44.81 -10.84 -16.61
CA LYS A 327 44.17 -12.13 -16.37
C LYS A 327 43.45 -12.09 -15.03
N LEU A 328 42.15 -12.31 -15.05
CA LEU A 328 41.31 -12.27 -13.86
C LEU A 328 40.77 -13.66 -13.58
N GLU A 329 40.86 -14.09 -12.31
CA GLU A 329 40.38 -15.40 -11.94
C GLU A 329 38.86 -15.40 -11.84
N VAL A 330 38.25 -16.51 -12.26
CA VAL A 330 36.80 -16.67 -12.22
C VAL A 330 36.41 -17.32 -10.90
N TRP A 331 35.41 -16.74 -10.25
CA TRP A 331 34.87 -17.26 -9.00
C TRP A 331 33.42 -17.68 -9.20
N ILE A 332 32.98 -18.63 -8.38
CA ILE A 332 31.57 -19.02 -8.33
C ILE A 332 30.97 -18.36 -7.11
N ALA A 333 30.13 -17.34 -7.34
CA ALA A 333 29.52 -16.58 -6.26
C ALA A 333 28.06 -16.97 -6.09
N ASN A 334 27.60 -16.94 -4.83
CA ASN A 334 26.23 -17.31 -4.52
C ASN A 334 25.24 -16.17 -4.71
N TYR A 335 25.71 -14.93 -4.88
CA TYR A 335 24.83 -13.80 -5.12
C TYR A 335 24.58 -13.56 -6.60
N VAL A 336 25.32 -14.22 -7.49
CA VAL A 336 25.07 -14.13 -8.93
C VAL A 336 23.93 -15.08 -9.28
N LEU A 337 22.84 -14.53 -9.79
CA LEU A 337 21.63 -15.30 -10.07
C LEU A 337 21.56 -15.65 -11.55
N TRP A 338 21.48 -16.94 -11.85
CA TRP A 338 21.30 -17.39 -13.23
C TRP A 338 19.94 -16.96 -13.74
N GLY A 339 19.92 -16.34 -14.93
CA GLY A 339 18.73 -15.75 -15.49
C GLY A 339 18.64 -14.25 -15.33
N TYR A 340 19.45 -13.66 -14.43
CA TYR A 340 19.53 -12.22 -14.29
C TYR A 340 20.68 -11.73 -15.15
N GLY A 341 20.36 -11.36 -16.38
CA GLY A 341 21.39 -10.90 -17.30
C GLY A 341 22.11 -12.08 -17.92
N ASP A 342 23.43 -12.07 -17.81
CA ASP A 342 24.28 -13.12 -18.36
C ASP A 342 24.62 -14.20 -17.35
N GLY A 343 24.23 -14.04 -16.09
CA GLY A 343 24.64 -15.00 -15.08
C GLY A 343 26.09 -14.88 -14.68
N ALA A 344 26.73 -13.75 -15.00
CA ALA A 344 28.12 -13.52 -14.64
C ALA A 344 28.35 -12.02 -14.56
N VAL A 345 29.17 -11.60 -13.59
CA VAL A 345 29.44 -10.19 -13.36
C VAL A 345 30.94 -9.99 -13.19
N MET A 346 31.36 -8.73 -13.29
CA MET A 346 32.70 -8.32 -12.91
C MET A 346 32.65 -7.61 -11.57
N ALA A 347 33.80 -7.56 -10.90
CA ALA A 347 33.89 -7.04 -9.55
C ALA A 347 34.95 -5.94 -9.49
N VAL A 348 34.55 -4.79 -8.97
CA VAL A 348 35.48 -3.69 -8.70
C VAL A 348 35.38 -3.36 -7.22
N PRO A 349 36.20 -3.97 -6.36
CA PRO A 349 36.06 -3.76 -4.92
C PRO A 349 36.30 -2.32 -4.49
N ALA A 350 37.05 -1.54 -5.25
CA ALA A 350 37.35 -0.17 -4.86
C ALA A 350 36.17 0.77 -5.01
N HIS A 351 35.12 0.37 -5.73
CA HIS A 351 34.01 1.29 -5.98
C HIS A 351 32.64 0.62 -5.91
N ASP A 352 32.56 -0.61 -5.41
CA ASP A 352 31.29 -1.28 -5.15
C ASP A 352 31.38 -1.90 -3.77
N GLU A 353 30.47 -1.50 -2.87
CA GLU A 353 30.57 -1.92 -1.48
C GLU A 353 30.41 -3.42 -1.34
N ARG A 354 29.53 -4.03 -2.14
CA ARG A 354 29.38 -5.48 -2.09
C ARG A 354 30.65 -6.18 -2.56
N ASP A 355 31.31 -5.64 -3.59
CA ASP A 355 32.59 -6.19 -4.00
C ASP A 355 33.69 -5.89 -3.00
N PHE A 356 33.56 -4.79 -2.25
CA PHE A 356 34.57 -4.46 -1.24
C PHE A 356 34.54 -5.48 -0.10
N GLU A 357 33.35 -5.75 0.44
CA GLU A 357 33.23 -6.75 1.50
C GLU A 357 33.61 -8.14 1.01
N PHE A 358 33.33 -8.44 -0.26
CA PHE A 358 33.71 -9.74 -0.82
C PHE A 358 35.22 -9.86 -0.91
N ALA A 359 35.89 -8.81 -1.41
CA ALA A 359 37.34 -8.84 -1.52
C ALA A 359 38.01 -8.79 -0.15
N ALA A 360 37.45 -8.02 0.78
CA ALA A 360 37.99 -7.98 2.13
C ALA A 360 37.88 -9.34 2.81
N LYS A 361 36.86 -10.12 2.46
CA LYS A 361 36.68 -11.44 3.04
C LYS A 361 37.74 -12.42 2.53
N TYR A 362 38.05 -12.35 1.24
CA TYR A 362 38.94 -13.31 0.61
C TYR A 362 40.31 -12.72 0.26
N ASN A 363 40.63 -11.53 0.76
CA ASN A 363 41.91 -10.87 0.51
C ASN A 363 42.15 -10.70 -0.99
N LEU A 364 41.10 -10.39 -1.72
CA LEU A 364 41.19 -10.16 -3.15
C LEU A 364 41.68 -8.74 -3.43
N PRO A 365 42.29 -8.52 -4.59
CA PRO A 365 42.87 -7.20 -4.88
C PRO A 365 41.81 -6.11 -4.97
N LYS A 366 42.22 -4.88 -4.67
CA LYS A 366 41.39 -3.69 -4.81
C LYS A 366 42.19 -2.65 -5.57
N LYS A 367 41.66 -2.20 -6.70
CA LYS A 367 42.36 -1.27 -7.59
C LYS A 367 41.52 -0.02 -7.75
N GLN A 368 42.00 1.10 -7.20
CA GLN A 368 41.30 2.36 -7.31
C GLN A 368 41.39 2.89 -8.73
N VAL A 369 40.24 3.26 -9.30
CA VAL A 369 40.18 3.86 -10.63
C VAL A 369 39.34 5.12 -10.68
N ILE A 370 38.71 5.52 -9.57
CA ILE A 370 37.94 6.74 -9.50
C ILE A 370 38.48 7.60 -8.35
N ALA A 371 38.46 8.91 -8.56
CA ALA A 371 38.90 9.86 -7.54
C ALA A 371 37.90 11.01 -7.45
N VAL A 372 37.57 11.41 -6.24
CA VAL A 372 36.66 12.51 -5.97
C VAL A 372 37.41 13.54 -5.15
N GLY A 373 37.80 14.64 -5.78
CA GLY A 373 38.57 15.67 -5.11
C GLY A 373 39.93 15.16 -4.70
N ASP A 374 40.39 15.64 -3.53
CA ASP A 374 41.65 15.20 -2.95
C ASP A 374 41.43 14.27 -1.76
N ASN A 375 40.35 13.49 -1.79
CA ASN A 375 40.04 12.59 -0.69
C ASN A 375 41.02 11.41 -0.68
N ALA A 376 41.32 10.93 0.53
CA ALA A 376 42.24 9.82 0.70
C ALA A 376 41.53 8.50 0.47
N PHE A 377 42.18 7.62 -0.29
CA PHE A 377 41.65 6.29 -0.59
C PHE A 377 42.31 5.27 0.32
N ASP A 378 41.55 4.73 1.26
CA ASP A 378 42.01 3.68 2.16
C ASP A 378 41.57 2.34 1.61
N ALA A 379 42.53 1.45 1.36
CA ALA A 379 42.23 0.15 0.78
C ALA A 379 41.66 -0.84 1.79
N ASN A 380 41.62 -0.47 3.07
CA ASN A 380 41.12 -1.36 4.12
C ASN A 380 39.85 -0.84 4.77
N ARG A 381 39.30 0.28 4.30
CA ARG A 381 38.08 0.84 4.87
C ARG A 381 37.25 1.47 3.76
N TRP A 382 35.99 1.07 3.68
CA TRP A 382 35.08 1.61 2.67
C TRP A 382 34.56 2.97 3.09
N GLN A 383 34.52 3.90 2.14
CA GLN A 383 33.95 5.21 2.34
C GLN A 383 32.85 5.44 1.32
N GLU A 384 31.94 6.36 1.65
CA GLU A 384 30.77 6.58 0.80
C GLU A 384 31.18 7.14 -0.57
N TRP A 385 32.26 7.91 -0.63
CA TRP A 385 32.68 8.50 -1.89
C TRP A 385 33.30 7.50 -2.85
N TYR A 386 33.52 6.26 -2.42
CA TYR A 386 34.08 5.25 -3.31
C TYR A 386 33.15 4.95 -4.48
N GLY A 387 31.84 5.07 -4.26
CA GLY A 387 30.88 4.74 -5.30
C GLY A 387 30.18 5.94 -5.91
N ASP A 388 30.80 7.12 -5.81
CA ASP A 388 30.21 8.32 -6.38
C ASP A 388 30.41 8.34 -7.89
N LYS A 389 29.38 8.81 -8.60
CA LYS A 389 29.40 8.84 -10.05
C LYS A 389 29.37 10.25 -10.63
N GLU A 390 28.69 11.18 -9.97
CA GLU A 390 28.51 12.52 -10.53
C GLU A 390 29.74 13.40 -10.35
N ASN A 391 30.54 13.15 -9.30
CA ASN A 391 31.65 14.04 -8.98
C ASN A 391 32.97 13.28 -8.92
N GLY A 392 33.22 12.42 -9.90
CA GLY A 392 34.44 11.63 -9.92
C GLY A 392 35.11 11.67 -11.28
N VAL A 393 36.42 11.49 -11.26
CA VAL A 393 37.24 11.42 -12.46
C VAL A 393 38.07 10.14 -12.40
N LEU A 394 38.44 9.63 -13.57
CA LEU A 394 39.13 8.36 -13.67
C LEU A 394 40.62 8.51 -13.40
N VAL A 395 41.17 7.55 -12.67
CA VAL A 395 42.60 7.45 -12.42
C VAL A 395 43.03 6.01 -12.68
N ASN A 396 44.33 5.83 -12.91
CA ASN A 396 44.91 4.50 -13.14
C ASN A 396 44.22 3.78 -14.29
N SER A 397 43.83 4.53 -15.32
CA SER A 397 43.08 3.96 -16.44
C SER A 397 43.71 4.29 -17.80
N GLY A 398 44.99 4.63 -17.81
CA GLY A 398 45.67 4.89 -19.08
C GLY A 398 45.12 6.13 -19.78
N ASP A 399 44.66 5.95 -21.01
CA ASP A 399 44.14 7.05 -21.81
C ASP A 399 42.71 7.42 -21.43
N LEU A 400 42.22 6.95 -20.28
CA LEU A 400 40.91 7.31 -19.77
C LEU A 400 40.97 8.22 -18.56
N ASP A 401 42.17 8.60 -18.11
CA ASP A 401 42.30 9.44 -16.93
C ASP A 401 41.73 10.82 -17.17
N GLY A 402 41.04 11.35 -16.17
CA GLY A 402 40.47 12.68 -16.22
C GLY A 402 39.02 12.74 -16.67
N LEU A 403 38.54 11.72 -17.36
CA LEU A 403 37.16 11.71 -17.84
C LEU A 403 36.19 11.55 -16.67
N ASP A 404 35.05 12.22 -16.76
CA ASP A 404 33.99 12.03 -15.77
C ASP A 404 33.24 10.74 -16.11
N PHE A 405 32.12 10.50 -15.42
CA PHE A 405 31.40 9.24 -15.59
C PHE A 405 30.84 9.10 -17.00
N GLN A 406 30.15 10.13 -17.50
CA GLN A 406 29.44 10.00 -18.77
C GLN A 406 30.39 9.95 -19.95
N THR A 407 31.47 10.75 -19.91
CA THR A 407 32.42 10.73 -21.03
C THR A 407 33.20 9.42 -21.06
N ALA A 408 33.59 8.91 -19.90
CA ALA A 408 34.27 7.62 -19.84
C ALA A 408 33.34 6.49 -20.27
N PHE A 409 32.05 6.60 -19.96
CA PHE A 409 31.09 5.59 -20.40
C PHE A 409 31.08 5.47 -21.91
N ASP A 410 30.92 6.60 -22.61
CA ASP A 410 30.90 6.57 -24.07
C ASP A 410 32.28 6.24 -24.63
N ALA A 411 33.35 6.60 -23.92
CA ALA A 411 34.68 6.24 -24.38
C ALA A 411 34.91 4.74 -24.28
N VAL A 412 34.47 4.12 -23.18
CA VAL A 412 34.59 2.67 -23.04
C VAL A 412 33.75 1.96 -24.09
N ALA A 413 32.55 2.47 -24.37
CA ALA A 413 31.71 1.86 -25.40
C ALA A 413 32.37 1.94 -26.77
N ALA A 414 33.17 2.98 -27.02
CA ALA A 414 33.86 3.10 -28.30
C ALA A 414 34.91 2.02 -28.47
N LYS A 415 35.74 1.81 -27.44
CA LYS A 415 36.77 0.78 -27.51
C LYS A 415 36.17 -0.61 -27.60
N LEU A 416 35.12 -0.88 -26.81
CA LEU A 416 34.52 -2.21 -26.80
C LEU A 416 33.85 -2.53 -28.12
N GLN A 417 33.14 -1.56 -28.71
CA GLN A 417 32.48 -1.82 -29.99
C GLN A 417 33.48 -1.90 -31.13
N SER A 418 34.56 -1.12 -31.06
CA SER A 418 35.58 -1.19 -32.11
C SER A 418 36.25 -2.56 -32.13
N GLN A 419 36.54 -3.12 -30.96
CA GLN A 419 37.07 -4.47 -30.86
C GLN A 419 36.00 -5.53 -31.05
N GLY A 420 34.72 -5.16 -31.00
CA GLY A 420 33.67 -6.15 -30.99
C GLY A 420 33.53 -6.91 -29.69
N ALA A 421 34.05 -6.34 -28.59
CA ALA A 421 34.06 -7.02 -27.30
C ALA A 421 32.97 -6.51 -26.36
N GLY A 422 32.20 -5.52 -26.76
CA GLY A 422 31.16 -5.01 -25.88
C GLY A 422 30.30 -3.99 -26.61
N GLU A 423 29.15 -3.70 -25.98
CA GLU A 423 28.20 -2.73 -26.49
C GLU A 423 27.21 -2.33 -25.39
N PRO A 424 26.61 -1.14 -25.46
CA PRO A 424 25.65 -0.74 -24.43
C PRO A 424 24.41 -1.62 -24.45
N LYS A 425 23.82 -1.78 -23.26
CA LYS A 425 22.61 -2.58 -23.11
C LYS A 425 21.81 -2.06 -21.92
N THR A 426 20.49 -2.07 -22.05
CA THR A 426 19.59 -1.68 -20.98
C THR A 426 18.97 -2.93 -20.36
N GLN A 427 18.89 -2.95 -19.03
CA GLN A 427 18.38 -4.10 -18.30
C GLN A 427 17.34 -3.64 -17.27
N TYR A 428 16.57 -4.62 -16.78
CA TYR A 428 15.54 -4.38 -15.78
C TYR A 428 15.59 -5.49 -14.75
N ARG A 429 15.53 -5.12 -13.47
CA ARG A 429 15.46 -6.12 -12.41
CA ARG A 429 15.44 -6.10 -12.39
C ARG A 429 14.10 -6.82 -12.35
N LEU A 430 13.10 -6.31 -13.07
CA LEU A 430 11.76 -6.88 -13.01
C LEU A 430 11.72 -8.25 -13.69
N ARG A 431 11.11 -9.21 -13.03
CA ARG A 431 10.85 -10.53 -13.60
C ARG A 431 9.40 -10.60 -14.08
N ASP A 432 9.12 -11.63 -14.88
CA ASP A 432 7.75 -11.86 -15.30
C ASP A 432 6.90 -12.30 -14.12
N TRP A 433 5.59 -12.13 -14.26
CA TRP A 433 4.63 -12.37 -13.20
C TRP A 433 4.07 -13.78 -13.33
N GLY A 434 4.45 -14.67 -12.42
CA GLY A 434 3.90 -16.01 -12.38
C GLY A 434 2.56 -16.02 -11.68
N ILE A 435 1.56 -16.63 -12.33
CA ILE A 435 0.20 -16.62 -11.82
C ILE A 435 -0.33 -18.01 -11.49
N SER A 436 0.38 -19.07 -11.86
CA SER A 436 -0.09 -20.41 -11.55
C SER A 436 0.00 -20.67 -10.06
N ARG A 437 -1.08 -21.23 -9.51
CA ARG A 437 -1.13 -21.59 -8.09
C ARG A 437 -1.67 -23.01 -7.97
N GLN A 438 -0.99 -23.83 -7.18
CA GLN A 438 -1.40 -25.22 -6.96
C GLN A 438 -2.34 -25.30 -5.76
N ARG A 439 -3.42 -24.52 -5.85
CA ARG A 439 -4.42 -24.41 -4.80
C ARG A 439 -5.80 -24.69 -5.37
N TYR A 440 -6.74 -24.94 -4.48
CA TYR A 440 -8.14 -25.14 -4.89
C TYR A 440 -8.91 -23.83 -4.92
N TRP A 441 -9.02 -23.16 -3.77
CA TRP A 441 -9.89 -21.99 -3.61
C TRP A 441 -9.29 -20.82 -4.37
N GLY A 442 -9.47 -20.83 -5.69
CA GLY A 442 -8.98 -19.78 -6.55
C GLY A 442 -9.64 -19.85 -7.91
N CYS A 443 -9.45 -18.78 -8.67
CA CYS A 443 -10.04 -18.68 -10.01
C CYS A 443 -9.40 -19.70 -10.94
N PRO A 444 -10.19 -20.57 -11.59
CA PRO A 444 -9.59 -21.54 -12.50
C PRO A 444 -9.00 -20.87 -13.73
N ILE A 445 -7.95 -21.48 -14.26
CA ILE A 445 -7.26 -20.97 -15.44
C ILE A 445 -7.96 -21.53 -16.67
N PRO A 446 -8.46 -20.69 -17.59
CA PRO A 446 -9.27 -21.16 -18.72
C PRO A 446 -8.42 -21.79 -19.83
N ILE A 447 -7.71 -22.86 -19.49
CA ILE A 447 -6.87 -23.58 -20.44
C ILE A 447 -7.29 -25.04 -20.44
N VAL A 448 -7.40 -25.62 -21.62
CA VAL A 448 -7.70 -27.04 -21.80
C VAL A 448 -6.55 -27.67 -22.58
N HIS A 449 -6.01 -28.77 -22.05
CA HIS A 449 -4.84 -29.42 -22.63
C HIS A 449 -5.29 -30.57 -23.53
N CYS A 450 -5.00 -30.45 -24.82
CA CYS A 450 -5.28 -31.49 -25.79
C CYS A 450 -3.97 -32.01 -26.38
N GLU A 451 -3.91 -33.33 -26.62
CA GLU A 451 -2.71 -33.93 -27.17
C GLU A 451 -2.50 -33.60 -28.64
N LYS A 452 -3.50 -33.05 -29.32
CA LYS A 452 -3.39 -32.66 -30.72
C LYS A 452 -3.33 -31.16 -30.94
N CYS A 453 -4.11 -30.40 -30.16
CA CYS A 453 -4.16 -28.95 -30.33
C CYS A 453 -3.24 -28.20 -29.37
N GLY A 454 -2.82 -28.82 -28.27
CA GLY A 454 -1.95 -28.17 -27.31
C GLY A 454 -2.70 -27.46 -26.20
N ASN A 455 -2.11 -26.40 -25.67
CA ASN A 455 -2.75 -25.60 -24.63
C ASN A 455 -3.74 -24.66 -25.29
N VAL A 456 -5.02 -24.95 -25.16
CA VAL A 456 -6.09 -24.24 -25.86
C VAL A 456 -6.84 -23.38 -24.86
N PRO A 457 -7.07 -22.10 -25.14
CA PRO A 457 -7.91 -21.29 -24.26
C PRO A 457 -9.39 -21.62 -24.45
N VAL A 458 -10.13 -21.48 -23.36
CA VAL A 458 -11.58 -21.70 -23.42
C VAL A 458 -12.23 -20.57 -24.22
N PRO A 459 -13.09 -20.87 -25.19
CA PRO A 459 -13.73 -19.80 -25.97
C PRO A 459 -14.63 -18.94 -25.09
N ALA A 460 -14.95 -17.75 -25.62
CA ALA A 460 -15.68 -16.77 -24.83
C ALA A 460 -17.10 -17.24 -24.50
N ASP A 461 -17.70 -18.08 -25.35
CA ASP A 461 -19.05 -18.55 -25.08
C ASP A 461 -19.08 -19.46 -23.85
N GLN A 462 -18.05 -20.29 -23.67
CA GLN A 462 -18.01 -21.26 -22.59
C GLN A 462 -17.49 -20.68 -21.29
N LEU A 463 -17.27 -19.36 -21.22
CA LEU A 463 -16.83 -18.79 -19.96
C LEU A 463 -18.02 -18.45 -19.08
N PRO A 464 -17.88 -18.57 -17.75
CA PRO A 464 -16.65 -18.96 -17.05
C PRO A 464 -16.41 -20.47 -16.96
N VAL A 465 -15.18 -20.83 -16.59
CA VAL A 465 -14.87 -22.18 -16.12
C VAL A 465 -15.17 -22.18 -14.62
N VAL A 466 -16.34 -22.71 -14.27
CA VAL A 466 -16.86 -22.56 -12.91
C VAL A 466 -16.09 -23.47 -11.96
N LEU A 467 -15.55 -22.88 -10.90
CA LEU A 467 -14.96 -23.66 -9.82
C LEU A 467 -16.07 -24.29 -8.97
N PRO A 468 -16.04 -25.60 -8.75
CA PRO A 468 -17.08 -26.23 -7.93
C PRO A 468 -16.94 -25.84 -6.47
N GLU A 469 -18.03 -25.31 -5.89
CA GLU A 469 -18.04 -24.91 -4.50
C GLU A 469 -18.33 -26.06 -3.55
N ASN A 470 -18.54 -27.27 -4.08
CA ASN A 470 -18.82 -28.45 -3.26
C ASN A 470 -17.55 -29.27 -3.07
N VAL A 471 -16.57 -28.67 -2.41
CA VAL A 471 -15.29 -29.30 -2.14
C VAL A 471 -14.88 -29.00 -0.70
N VAL A 472 -14.34 -30.00 -0.01
CA VAL A 472 -13.74 -29.79 1.30
C VAL A 472 -12.29 -30.30 1.24
N PRO A 473 -11.29 -29.41 1.15
CA PRO A 473 -9.92 -29.90 1.00
C PRO A 473 -9.44 -30.65 2.23
N ASP A 474 -8.63 -31.69 1.98
CA ASP A 474 -8.09 -32.53 3.05
C ASP A 474 -6.66 -32.18 3.42
N GLY A 475 -5.84 -31.75 2.47
CA GLY A 475 -4.45 -31.43 2.72
C GLY A 475 -3.45 -32.33 2.04
N MET A 476 -3.90 -33.32 1.28
CA MET A 476 -2.99 -34.22 0.58
C MET A 476 -3.04 -33.97 -0.92
N GLY A 477 -2.78 -32.74 -1.33
CA GLY A 477 -2.80 -32.38 -2.73
C GLY A 477 -3.98 -31.49 -3.07
N SER A 478 -3.80 -30.66 -4.09
CA SER A 478 -4.86 -29.76 -4.54
C SER A 478 -6.06 -30.58 -5.02
N PRO A 479 -7.26 -30.34 -4.48
CA PRO A 479 -8.41 -31.20 -4.82
C PRO A 479 -8.76 -31.20 -6.30
N LEU A 480 -8.46 -30.12 -7.03
CA LEU A 480 -8.83 -30.07 -8.44
C LEU A 480 -8.13 -31.17 -9.24
N ALA A 481 -6.92 -31.55 -8.86
CA ALA A 481 -6.22 -32.61 -9.56
C ALA A 481 -6.75 -34.00 -9.22
N LYS A 482 -7.52 -34.13 -8.13
CA LYS A 482 -8.08 -35.40 -7.72
C LYS A 482 -9.57 -35.52 -8.07
N MET A 483 -10.07 -34.64 -8.95
CA MET A 483 -11.48 -34.59 -9.32
C MET A 483 -11.61 -34.75 -10.82
N PRO A 484 -11.64 -35.98 -11.34
CA PRO A 484 -11.84 -36.16 -12.79
C PRO A 484 -13.14 -35.57 -13.31
N GLU A 485 -14.18 -35.48 -12.47
CA GLU A 485 -15.42 -34.87 -12.90
C GLU A 485 -15.24 -33.39 -13.26
N PHE A 486 -14.13 -32.78 -12.86
CA PHE A 486 -13.82 -31.40 -13.19
C PHE A 486 -12.89 -31.28 -14.41
N TYR A 487 -11.78 -32.02 -14.42
CA TYR A 487 -10.80 -31.81 -15.48
C TYR A 487 -11.05 -32.65 -16.73
N GLU A 488 -11.75 -33.78 -16.62
CA GLU A 488 -12.11 -34.53 -17.82
C GLU A 488 -13.12 -33.73 -18.63
N THR A 489 -12.73 -33.39 -19.86
CA THR A 489 -13.58 -32.57 -20.73
C THR A 489 -13.23 -32.88 -22.18
N SER A 490 -13.83 -32.13 -23.09
CA SER A 490 -13.54 -32.24 -24.52
C SER A 490 -12.79 -31.00 -24.98
N CYS A 491 -11.91 -31.20 -25.96
CA CYS A 491 -11.14 -30.08 -26.50
C CYS A 491 -12.07 -29.15 -27.27
N PRO A 492 -12.06 -27.84 -26.98
CA PRO A 492 -12.95 -26.92 -27.70
C PRO A 492 -12.50 -26.61 -29.12
N CYS A 493 -11.40 -27.20 -29.59
CA CYS A 493 -10.93 -27.00 -30.96
C CYS A 493 -11.20 -28.19 -31.86
N CYS A 494 -10.96 -29.41 -31.39
CA CYS A 494 -11.17 -30.61 -32.19
C CYS A 494 -12.24 -31.53 -31.64
N GLY A 495 -12.69 -31.33 -30.40
CA GLY A 495 -13.70 -32.16 -29.80
C GLY A 495 -13.18 -33.43 -29.15
N GLY A 496 -11.89 -33.72 -29.25
CA GLY A 496 -11.34 -34.94 -28.70
C GLY A 496 -11.19 -34.88 -27.20
N ALA A 497 -10.67 -35.98 -26.64
CA ALA A 497 -10.46 -36.07 -25.20
C ALA A 497 -9.37 -35.10 -24.77
N ALA A 498 -9.63 -34.39 -23.68
CA ALA A 498 -8.71 -33.38 -23.20
C ALA A 498 -8.94 -33.14 -21.71
N LYS A 499 -7.97 -32.50 -21.07
CA LYS A 499 -8.03 -32.23 -19.65
C LYS A 499 -7.90 -30.73 -19.40
N ARG A 500 -8.62 -30.24 -18.39
CA ARG A 500 -8.54 -28.85 -18.00
C ARG A 500 -7.30 -28.59 -17.15
N GLU A 501 -6.86 -27.34 -17.14
CA GLU A 501 -5.81 -26.94 -16.22
C GLU A 501 -6.36 -26.92 -14.80
N THR A 502 -5.66 -27.60 -13.89
CA THR A 502 -6.09 -27.70 -12.51
C THR A 502 -5.48 -26.64 -11.60
N ASP A 503 -4.48 -25.90 -12.08
CA ASP A 503 -3.91 -24.80 -11.30
C ASP A 503 -4.84 -23.60 -11.35
N THR A 504 -4.96 -22.90 -10.22
CA THR A 504 -5.75 -21.69 -10.13
C THR A 504 -4.85 -20.46 -10.25
N MET A 505 -5.49 -19.30 -10.41
CA MET A 505 -4.75 -18.07 -10.62
C MET A 505 -4.27 -17.49 -9.29
N ASP A 506 -3.27 -16.62 -9.40
CA ASP A 506 -2.83 -15.83 -8.25
C ASP A 506 -3.95 -14.90 -7.82
N THR A 507 -4.19 -14.84 -6.50
CA THR A 507 -5.26 -14.02 -5.97
C THR A 507 -5.05 -12.53 -6.17
N PHE A 508 -3.82 -12.09 -6.49
CA PHE A 508 -3.60 -10.69 -6.84
C PHE A 508 -4.30 -10.28 -8.13
N ILE A 509 -4.76 -11.24 -8.94
CA ILE A 509 -5.43 -10.88 -10.19
C ILE A 509 -6.80 -10.27 -9.91
N GLU A 510 -7.51 -10.78 -8.90
CA GLU A 510 -8.82 -10.22 -8.58
C GLU A 510 -8.70 -8.78 -8.08
N SER A 511 -7.71 -8.51 -7.22
CA SER A 511 -7.52 -7.17 -6.69
C SER A 511 -6.89 -6.21 -7.68
N SER A 512 -6.51 -6.68 -8.87
CA SER A 512 -5.85 -5.84 -9.86
C SER A 512 -6.81 -5.07 -10.74
N TRP A 513 -8.11 -5.39 -10.72
CA TRP A 513 -9.05 -4.70 -11.59
C TRP A 513 -10.41 -4.49 -10.96
N TYR A 514 -10.60 -4.79 -9.67
CA TYR A 514 -11.93 -4.69 -9.06
C TYR A 514 -12.42 -3.24 -9.01
N PHE A 515 -11.50 -2.28 -8.97
CA PHE A 515 -11.89 -0.87 -8.95
C PHE A 515 -12.60 -0.45 -10.24
N PHE A 516 -12.36 -1.16 -11.34
CA PHE A 516 -13.12 -0.92 -12.56
C PHE A 516 -14.47 -1.62 -12.52
N ARG A 517 -14.54 -2.80 -11.89
CA ARG A 517 -15.79 -3.55 -11.85
C ARG A 517 -16.86 -2.85 -11.02
N TYR A 518 -16.45 -2.05 -10.03
CA TYR A 518 -17.41 -1.30 -9.24
C TYR A 518 -18.23 -0.33 -10.09
N MET A 519 -17.66 0.14 -11.20
CA MET A 519 -18.37 1.09 -12.05
C MET A 519 -19.59 0.47 -12.70
N SER A 520 -19.54 -0.82 -13.01
CA SER A 520 -20.70 -1.54 -13.54
C SER A 520 -20.64 -2.99 -13.05
N PRO A 521 -21.00 -3.22 -11.79
CA PRO A 521 -20.82 -4.57 -11.22
C PRO A 521 -21.76 -5.61 -11.78
N LYS A 522 -22.90 -5.22 -12.35
CA LYS A 522 -23.84 -6.15 -12.94
C LYS A 522 -23.75 -6.19 -14.46
N PHE A 523 -22.75 -5.54 -15.04
CA PHE A 523 -22.57 -5.57 -16.48
C PHE A 523 -22.14 -6.97 -16.92
N SER A 524 -22.82 -7.50 -17.93
CA SER A 524 -22.63 -8.88 -18.34
C SER A 524 -22.02 -9.04 -19.73
N ASP A 525 -21.69 -7.94 -20.41
CA ASP A 525 -21.14 -8.00 -21.75
C ASP A 525 -19.66 -7.61 -21.80
N GLY A 526 -19.01 -7.49 -20.66
CA GLY A 526 -17.60 -7.12 -20.64
C GLY A 526 -17.13 -6.93 -19.22
N MET A 527 -15.84 -6.61 -19.10
CA MET A 527 -15.26 -6.36 -17.79
C MET A 527 -15.86 -5.13 -17.13
N VAL A 528 -16.03 -4.04 -17.90
CA VAL A 528 -16.64 -2.83 -17.40
C VAL A 528 -17.39 -2.15 -18.54
N SER A 529 -18.58 -1.64 -18.24
CA SER A 529 -19.36 -0.92 -19.24
C SER A 529 -18.60 0.29 -19.75
N ALA A 530 -18.71 0.55 -21.05
CA ALA A 530 -18.03 1.70 -21.64
C ALA A 530 -18.61 3.02 -21.16
N GLU A 531 -19.91 3.05 -20.84
CA GLU A 531 -20.52 4.29 -20.37
C GLU A 531 -20.06 4.65 -18.97
N SER A 532 -19.99 3.66 -18.07
CA SER A 532 -19.59 3.94 -16.70
C SER A 532 -18.10 4.19 -16.59
N ALA A 533 -17.30 3.61 -17.49
CA ALA A 533 -15.86 3.87 -17.47
C ALA A 533 -15.55 5.30 -17.91
N LYS A 534 -16.34 5.84 -18.84
CA LYS A 534 -16.12 7.22 -19.28
C LYS A 534 -16.52 8.21 -18.19
N TYR A 535 -17.58 7.91 -17.43
CA TYR A 535 -18.05 8.85 -16.42
C TYR A 535 -17.12 8.87 -15.21
N TRP A 536 -16.87 7.70 -14.62
CA TRP A 536 -16.06 7.64 -13.40
C TRP A 536 -14.56 7.78 -13.69
N GLY A 537 -14.11 7.44 -14.89
CA GLY A 537 -12.71 7.61 -15.25
C GLY A 537 -11.77 6.76 -14.42
N ALA A 538 -11.24 7.33 -13.34
CA ALA A 538 -10.30 6.64 -12.48
C ALA A 538 -10.64 6.94 -11.03
N VAL A 539 -10.04 6.17 -10.12
CA VAL A 539 -10.25 6.37 -8.70
C VAL A 539 -9.64 7.69 -8.28
N ASP A 540 -10.43 8.52 -7.61
CA ASP A 540 -9.94 9.83 -7.18
C ASP A 540 -9.12 9.74 -5.90
N GLN A 541 -9.49 8.85 -4.99
CA GLN A 541 -8.79 8.69 -3.72
C GLN A 541 -8.70 7.21 -3.37
N TYR A 542 -7.50 6.72 -3.10
CA TYR A 542 -7.26 5.34 -2.73
C TYR A 542 -6.66 5.29 -1.34
N ILE A 543 -7.23 4.45 -0.47
CA ILE A 543 -6.79 4.31 0.91
C ILE A 543 -6.45 2.85 1.16
N GLY A 544 -5.27 2.61 1.72
CA GLY A 544 -4.86 1.24 2.00
C GLY A 544 -3.56 1.21 2.76
N GLY A 545 -3.15 -0.01 3.15
CA GLY A 545 -1.95 -0.18 3.93
C GLY A 545 -0.69 -0.17 3.09
N ILE A 546 0.44 0.03 3.76
CA ILE A 546 1.72 0.13 3.07
C ILE A 546 2.19 -1.22 2.53
N GLU A 547 1.69 -2.34 3.07
CA GLU A 547 2.15 -3.64 2.63
C GLU A 547 1.77 -3.95 1.19
N HIS A 548 0.87 -3.19 0.59
CA HIS A 548 0.48 -3.37 -0.79
C HIS A 548 1.09 -2.32 -1.72
N ALA A 549 2.14 -1.63 -1.27
CA ALA A 549 2.69 -0.53 -2.04
C ALA A 549 3.53 -0.99 -3.24
N ILE A 550 3.95 -2.24 -3.27
CA ILE A 550 4.79 -2.72 -4.36
C ILE A 550 4.00 -3.63 -5.28
N LEU A 551 3.63 -4.81 -4.79
CA LEU A 551 3.05 -5.83 -5.66
C LEU A 551 1.66 -5.42 -6.14
N HIS A 552 0.74 -5.18 -5.20
CA HIS A 552 -0.65 -4.90 -5.59
C HIS A 552 -0.76 -3.65 -6.45
N LEU A 553 -0.07 -2.58 -6.05
CA LEU A 553 -0.17 -1.33 -6.80
C LEU A 553 0.43 -1.47 -8.19
N LEU A 554 1.54 -2.20 -8.31
CA LEU A 554 2.13 -2.42 -9.64
C LEU A 554 1.23 -3.29 -10.50
N TYR A 555 0.61 -4.31 -9.90
CA TYR A 555 -0.30 -5.17 -10.66
C TYR A 555 -1.53 -4.39 -11.13
N ALA A 556 -2.06 -3.51 -10.27
CA ALA A 556 -3.24 -2.73 -10.65
C ALA A 556 -2.91 -1.75 -11.77
N ARG A 557 -1.72 -1.17 -11.75
CA ARG A 557 -1.31 -0.29 -12.85
C ARG A 557 -1.08 -1.09 -14.13
N PHE A 558 -0.54 -2.30 -14.01
CA PHE A 558 -0.32 -3.15 -15.17
C PHE A 558 -1.64 -3.54 -15.83
N PHE A 559 -2.63 -3.93 -15.02
CA PHE A 559 -3.92 -4.32 -15.58
C PHE A 559 -4.62 -3.13 -16.22
N THR A 560 -4.47 -1.94 -15.63
CA THR A 560 -5.13 -0.75 -16.19
C THR A 560 -4.60 -0.44 -17.59
N LYS A 561 -3.29 -0.57 -17.78
CA LYS A 561 -2.72 -0.34 -19.12
C LYS A 561 -3.07 -1.48 -20.06
N LEU A 562 -3.21 -2.71 -19.54
CA LEU A 562 -3.67 -3.82 -20.36
C LEU A 562 -5.10 -3.57 -20.83
N MET A 563 -5.98 -3.18 -19.90
CA MET A 563 -7.37 -2.91 -20.26
C MET A 563 -7.48 -1.68 -21.15
N ARG A 564 -6.57 -0.70 -20.98
CA ARG A 564 -6.55 0.46 -21.86
C ARG A 564 -6.16 0.07 -23.27
N ASP A 565 -5.17 -0.81 -23.41
CA ASP A 565 -4.75 -1.27 -24.73
C ASP A 565 -5.78 -2.19 -25.38
N GLU A 566 -6.72 -2.72 -24.59
CA GLU A 566 -7.81 -3.52 -25.14
C GLU A 566 -9.02 -2.69 -25.52
N GLY A 567 -9.13 -1.47 -25.01
CA GLY A 567 -10.24 -0.60 -25.33
C GLY A 567 -11.33 -0.51 -24.28
N LEU A 568 -11.09 -1.07 -23.09
CA LEU A 568 -12.11 -1.06 -22.04
C LEU A 568 -12.12 0.24 -21.25
N VAL A 569 -10.95 0.86 -21.05
CA VAL A 569 -10.83 2.05 -20.22
C VAL A 569 -10.03 3.10 -20.99
N ASN A 570 -10.07 4.34 -20.46
CA ASN A 570 -9.45 5.48 -21.11
C ASN A 570 -8.43 6.19 -20.21
N VAL A 571 -7.87 5.49 -19.23
CA VAL A 571 -6.91 6.07 -18.31
C VAL A 571 -5.61 5.28 -18.38
N ASP A 572 -4.50 5.98 -18.13
CA ASP A 572 -3.20 5.34 -18.03
C ASP A 572 -2.90 4.85 -16.61
N GLU A 573 -3.49 5.50 -15.61
CA GLU A 573 -3.27 5.17 -14.22
C GLU A 573 -4.60 4.98 -13.50
N PRO A 574 -4.69 4.02 -12.58
CA PRO A 574 -5.97 3.77 -11.90
C PRO A 574 -6.26 4.70 -10.74
N PHE A 575 -5.23 5.15 -10.02
CA PHE A 575 -5.40 5.88 -8.78
C PHE A 575 -4.72 7.25 -8.85
N GLU A 576 -5.49 8.31 -8.60
CA GLU A 576 -4.94 9.65 -8.58
C GLU A 576 -4.27 9.95 -7.24
N ARG A 577 -5.06 10.02 -6.17
CA ARG A 577 -4.58 10.24 -4.83
C ARG A 577 -4.41 8.91 -4.10
N LEU A 578 -3.40 8.84 -3.25
CA LEU A 578 -3.08 7.60 -2.52
C LEU A 578 -2.74 7.97 -1.08
N LEU A 579 -3.57 7.52 -0.14
CA LEU A 579 -3.33 7.70 1.28
C LEU A 579 -2.93 6.35 1.89
N THR A 580 -1.84 6.35 2.65
CA THR A 580 -1.28 5.14 3.22
C THR A 580 -1.54 5.13 4.72
N GLN A 581 -2.50 4.31 5.15
CA GLN A 581 -2.89 4.26 6.55
C GLN A 581 -1.87 3.49 7.39
N GLY A 582 -1.55 4.04 8.56
CA GLY A 582 -0.66 3.36 9.47
C GLY A 582 -1.34 2.22 10.23
N MET A 583 -0.54 1.29 10.72
CA MET A 583 -1.07 0.12 11.38
C MET A 583 -1.55 0.46 12.79
N VAL A 584 -2.25 -0.50 13.40
CA VAL A 584 -2.78 -0.37 14.75
C VAL A 584 -2.08 -1.37 15.65
N VAL A 585 -1.57 -0.88 16.78
CA VAL A 585 -0.79 -1.69 17.71
C VAL A 585 -1.55 -1.80 19.02
N CYS A 586 -1.09 -2.70 19.89
CA CYS A 586 -1.69 -2.89 21.19
C CYS A 586 -0.68 -3.53 22.13
N GLU A 587 -1.04 -3.58 23.41
CA GLU A 587 -0.19 -4.14 24.44
C GLU A 587 -0.38 -5.66 24.52
N THR A 588 0.68 -6.35 24.92
CA THR A 588 0.67 -7.81 24.99
C THR A 588 0.77 -8.26 26.44
N TYR A 589 0.06 -9.35 26.76
CA TYR A 589 0.03 -9.92 28.09
C TYR A 589 0.22 -11.42 27.99
N TYR A 590 0.72 -12.03 29.06
CA TYR A 590 1.00 -13.47 29.04
C TYR A 590 1.17 -13.97 30.46
N ARG A 591 1.50 -15.25 30.56
CA ARG A 591 1.94 -15.89 31.79
C ARG A 591 3.07 -16.85 31.43
N GLU A 592 3.87 -17.23 32.42
CA GLU A 592 5.05 -18.06 32.19
C GLU A 592 4.65 -19.53 32.18
N ASN A 593 5.14 -20.25 31.17
CA ASN A 593 4.84 -21.67 31.03
C ASN A 593 5.69 -22.50 31.99
N ASP A 594 5.20 -23.71 32.26
CA ASP A 594 5.92 -24.64 33.13
C ASP A 594 7.15 -25.25 32.45
N LYS A 595 7.26 -25.14 31.13
CA LYS A 595 8.38 -25.69 30.38
C LYS A 595 9.35 -24.60 29.91
N GLY A 596 9.36 -23.45 30.58
CA GLY A 596 10.24 -22.36 30.19
C GLY A 596 9.76 -21.63 28.96
N GLY A 597 8.52 -21.15 28.98
CA GLY A 597 7.95 -20.45 27.86
C GLY A 597 6.95 -19.38 28.27
N LYS A 598 6.14 -18.92 27.32
CA LYS A 598 5.15 -17.89 27.58
C LYS A 598 3.85 -18.24 26.86
N ASP A 599 2.73 -18.07 27.56
CA ASP A 599 1.40 -18.30 27.00
C ASP A 599 0.67 -16.96 27.00
N TRP A 600 0.37 -16.45 25.81
CA TRP A 600 -0.10 -15.08 25.66
C TRP A 600 -1.60 -14.96 25.93
N ILE A 601 -2.00 -13.81 26.46
CA ILE A 601 -3.37 -13.56 26.92
C ILE A 601 -3.94 -12.36 26.16
N ASN A 602 -5.21 -12.44 25.81
CA ASN A 602 -5.85 -11.34 25.10
C ASN A 602 -6.13 -10.19 26.06
N PRO A 603 -5.92 -8.94 25.62
CA PRO A 603 -6.14 -7.80 26.53
C PRO A 603 -7.55 -7.70 27.08
N ALA A 604 -8.56 -8.15 26.32
CA ALA A 604 -9.94 -8.07 26.80
C ALA A 604 -10.17 -8.95 28.03
N ASP A 605 -9.36 -9.99 28.20
CA ASP A 605 -9.47 -10.87 29.35
C ASP A 605 -8.60 -10.42 30.53
N VAL A 606 -8.19 -9.15 30.54
CA VAL A 606 -7.31 -8.62 31.58
C VAL A 606 -7.95 -7.38 32.18
N GLU A 607 -7.51 -7.04 33.39
CA GLU A 607 -7.89 -5.82 34.07
C GLU A 607 -6.70 -5.31 34.87
N LEU A 608 -6.49 -4.01 34.85
CA LEU A 608 -5.33 -3.39 35.48
C LEU A 608 -5.69 -2.78 36.82
N THR A 609 -4.81 -2.95 37.81
CA THR A 609 -5.01 -2.38 39.13
C THR A 609 -4.83 -0.87 39.13
N PRO A 616 -3.16 3.12 38.72
CA PRO A 616 -2.51 2.25 37.73
C PRO A 616 -1.30 1.53 38.29
N VAL A 617 -1.24 0.21 38.08
CA VAL A 617 -0.13 -0.59 38.58
C VAL A 617 -0.07 -1.92 37.81
N SER A 618 -0.28 -3.02 38.52
CA SER A 618 -0.21 -4.34 37.90
C SER A 618 -1.54 -4.70 37.25
N ALA A 619 -1.60 -5.90 36.67
CA ALA A 619 -2.80 -6.36 35.98
C ALA A 619 -3.07 -7.81 36.36
N VAL A 620 -4.32 -8.22 36.17
CA VAL A 620 -4.77 -9.58 36.50
C VAL A 620 -5.96 -9.90 35.60
N LEU A 621 -6.41 -11.16 35.66
CA LEU A 621 -7.53 -11.61 34.85
C LEU A 621 -8.83 -10.97 35.33
N LYS A 622 -9.83 -10.99 34.45
CA LYS A 622 -11.12 -10.36 34.77
C LYS A 622 -11.94 -11.21 35.73
N ALA A 623 -11.89 -12.53 35.57
CA ALA A 623 -12.70 -13.44 36.39
C ALA A 623 -11.89 -14.32 37.32
N ASP A 624 -10.58 -14.44 37.11
CA ASP A 624 -9.76 -15.33 37.93
C ASP A 624 -8.95 -14.61 39.00
N GLY A 625 -8.64 -13.33 38.81
CA GLY A 625 -7.82 -12.62 39.78
C GLY A 625 -6.40 -13.15 39.87
N LEU A 626 -5.90 -13.76 38.80
CA LEU A 626 -4.54 -14.27 38.78
C LEU A 626 -3.63 -13.24 38.13
N PRO A 627 -2.75 -12.57 38.89
CA PRO A 627 -1.92 -11.49 38.31
C PRO A 627 -1.11 -11.93 37.10
N VAL A 628 -1.29 -11.24 35.98
CA VAL A 628 -0.58 -11.53 34.76
C VAL A 628 0.58 -10.54 34.63
N VAL A 629 1.39 -10.73 33.60
CA VAL A 629 2.54 -9.87 33.32
C VAL A 629 2.30 -9.15 32.01
N ILE A 630 2.52 -7.85 32.01
CA ILE A 630 2.35 -7.03 30.82
C ILE A 630 3.65 -7.02 30.02
N SER A 631 3.52 -7.10 28.70
CA SER A 631 4.70 -7.18 27.83
C SER A 631 4.77 -6.00 26.87
N GLY A 632 5.47 -6.18 25.76
CA GLY A 632 5.69 -5.10 24.81
C GLY A 632 4.47 -4.78 23.97
N THR A 633 4.61 -3.73 23.17
CA THR A 633 3.55 -3.24 22.31
C THR A 633 3.92 -3.49 20.85
N GLU A 634 2.99 -4.06 20.09
CA GLU A 634 3.23 -4.34 18.67
C GLU A 634 1.89 -4.41 17.96
N LYS A 635 1.95 -4.58 16.64
CA LYS A 635 0.76 -4.65 15.81
C LYS A 635 -0.17 -5.76 16.29
N MET A 636 -1.47 -5.50 16.23
CA MET A 636 -2.47 -6.48 16.65
C MET A 636 -2.43 -7.70 15.75
N SER A 637 -2.25 -8.87 16.37
CA SER A 637 -2.23 -10.13 15.64
C SER A 637 -2.47 -11.26 16.63
N LYS A 638 -2.97 -12.38 16.10
CA LYS A 638 -3.21 -13.56 16.93
C LYS A 638 -1.93 -14.22 17.40
N SER A 639 -0.77 -13.77 16.93
CA SER A 639 0.52 -14.31 17.35
C SER A 639 0.71 -14.17 18.85
N LYS A 640 0.88 -12.93 19.32
CA LYS A 640 1.00 -12.66 20.75
C LYS A 640 -0.35 -12.40 21.41
N ASN A 641 -1.45 -12.67 20.70
CA ASN A 641 -2.81 -12.60 21.27
C ASN A 641 -3.07 -11.23 21.88
N ASN A 642 -2.99 -10.19 21.03
CA ASN A 642 -3.22 -8.82 21.47
C ASN A 642 -4.23 -8.11 20.58
N GLY A 643 -5.12 -8.85 19.92
CA GLY A 643 -6.12 -8.23 19.06
C GLY A 643 -7.32 -7.76 19.85
N VAL A 644 -7.70 -6.50 19.62
CA VAL A 644 -8.87 -5.90 20.26
C VAL A 644 -10.04 -6.00 19.29
N ASP A 645 -11.07 -6.74 19.68
CA ASP A 645 -12.24 -6.93 18.82
C ASP A 645 -13.02 -5.63 18.72
N PRO A 646 -13.17 -5.04 17.52
CA PRO A 646 -13.93 -3.79 17.41
C PRO A 646 -15.42 -3.97 17.67
N GLN A 647 -15.95 -5.18 17.52
CA GLN A 647 -17.38 -5.39 17.77
C GLN A 647 -17.72 -5.14 19.23
N GLU A 648 -16.89 -5.62 20.16
CA GLU A 648 -17.11 -5.34 21.57
C GLU A 648 -16.95 -3.86 21.87
N LEU A 649 -16.09 -3.16 21.12
CA LEU A 649 -15.98 -1.71 21.26
C LEU A 649 -17.26 -1.01 20.80
N ILE A 650 -17.86 -1.49 19.70
CA ILE A 650 -19.12 -0.93 19.24
C ILE A 650 -20.24 -1.23 20.24
N ASN A 651 -20.22 -2.44 20.82
CA ASN A 651 -21.23 -2.79 21.82
C ASN A 651 -21.11 -1.94 23.06
N ALA A 652 -19.89 -1.49 23.40
CA ALA A 652 -19.67 -0.78 24.65
C ALA A 652 -19.89 0.73 24.52
N TYR A 653 -19.67 1.31 23.35
CA TYR A 653 -19.73 2.75 23.19
C TYR A 653 -20.51 3.23 21.97
N GLY A 654 -20.73 2.39 20.97
CA GLY A 654 -21.39 2.80 19.75
C GLY A 654 -20.41 3.08 18.63
N ALA A 655 -20.96 3.29 17.44
CA ALA A 655 -20.14 3.45 16.25
C ALA A 655 -19.43 4.81 16.25
N ASP A 656 -20.12 5.86 16.67
CA ASP A 656 -19.52 7.20 16.62
C ASP A 656 -18.32 7.32 17.56
N THR A 657 -18.34 6.64 18.70
CA THR A 657 -17.20 6.69 19.60
C THR A 657 -16.00 5.98 19.00
N ALA A 658 -16.23 4.83 18.34
CA ALA A 658 -15.14 4.10 17.72
C ALA A 658 -14.51 4.88 16.58
N ARG A 659 -15.35 5.50 15.74
CA ARG A 659 -14.83 6.29 14.63
C ARG A 659 -14.06 7.51 15.14
N LEU A 660 -14.59 8.19 16.15
CA LEU A 660 -13.95 9.40 16.65
C LEU A 660 -12.60 9.08 17.28
N PHE A 661 -12.51 7.97 18.02
CA PHE A 661 -11.27 7.64 18.70
C PHE A 661 -10.13 7.39 17.72
N MET A 662 -10.41 6.66 16.64
CA MET A 662 -9.37 6.31 15.69
C MET A 662 -8.96 7.49 14.81
N MET A 663 -9.87 8.43 14.58
CA MET A 663 -9.52 9.62 13.82
C MET A 663 -8.81 10.67 14.66
N PHE A 664 -8.90 10.57 15.99
CA PHE A 664 -8.30 11.56 16.88
C PHE A 664 -7.04 11.08 17.57
N ALA A 665 -6.84 9.76 17.67
CA ALA A 665 -5.69 9.24 18.41
C ALA A 665 -4.38 9.59 17.74
N ALA A 666 -4.31 9.50 16.42
CA ALA A 666 -3.08 9.75 15.69
C ALA A 666 -3.43 10.13 14.26
N PRO A 667 -2.52 10.81 13.56
CA PRO A 667 -2.72 11.06 12.12
C PRO A 667 -2.84 9.74 11.36
N PRO A 668 -3.42 9.77 10.15
CA PRO A 668 -3.68 8.50 9.46
C PRO A 668 -2.42 7.73 9.11
N GLU A 669 -1.34 8.42 8.74
CA GLU A 669 -0.11 7.72 8.37
C GLU A 669 0.62 7.16 9.59
N GLN A 670 0.43 7.76 10.77
CA GLN A 670 1.12 7.31 11.96
CA GLN A 670 1.12 7.30 11.96
C GLN A 670 0.40 6.12 12.59
N SER A 671 1.18 5.26 13.25
CA SER A 671 0.61 4.09 13.90
C SER A 671 -0.26 4.49 15.08
N LEU A 672 -1.36 3.77 15.26
CA LEU A 672 -2.36 4.08 16.28
C LEU A 672 -2.27 3.05 17.40
N GLU A 673 -2.00 3.53 18.61
CA GLU A 673 -1.91 2.67 19.78
C GLU A 673 -3.24 2.65 20.50
N TRP A 674 -3.73 1.43 20.79
CA TRP A 674 -5.01 1.28 21.48
C TRP A 674 -4.90 1.79 22.90
N SER A 675 -5.89 2.58 23.33
CA SER A 675 -5.91 3.16 24.67
C SER A 675 -7.33 3.10 25.20
N ASP A 676 -7.51 2.47 26.36
CA ASP A 676 -8.82 2.39 26.98
C ASP A 676 -9.31 3.77 27.40
N SER A 677 -8.44 4.57 28.03
CA SER A 677 -8.81 5.93 28.38
C SER A 677 -8.98 6.80 27.15
N GLY A 678 -8.42 6.40 26.01
CA GLY A 678 -8.59 7.18 24.79
C GLY A 678 -10.00 7.09 24.25
N VAL A 679 -10.60 5.89 24.26
CA VAL A 679 -11.97 5.75 23.79
C VAL A 679 -12.95 6.35 24.78
N GLU A 680 -12.56 6.48 26.05
CA GLU A 680 -13.41 7.16 27.02
C GLU A 680 -13.47 8.66 26.74
N GLY A 681 -12.33 9.26 26.44
CA GLY A 681 -12.32 10.67 26.07
C GLY A 681 -13.09 10.94 24.81
N ALA A 682 -13.11 9.98 23.88
CA ALA A 682 -13.93 10.13 22.68
C ALA A 682 -15.41 10.06 23.03
N HIS A 683 -15.79 9.18 23.94
CA HIS A 683 -17.19 9.06 24.34
C HIS A 683 -17.64 10.26 25.15
N ARG A 684 -16.81 10.72 26.09
CA ARG A 684 -17.19 11.86 26.92
C ARG A 684 -17.28 13.15 26.10
N PHE A 685 -16.48 13.27 25.04
CA PHE A 685 -16.60 14.43 24.18
C PHE A 685 -17.92 14.40 23.41
N LEU A 686 -18.36 13.23 22.97
CA LEU A 686 -19.66 13.12 22.33
C LEU A 686 -20.79 13.38 23.33
N ARG A 687 -20.59 13.03 24.60
CA ARG A 687 -21.54 13.43 25.63
C ARG A 687 -21.55 14.95 25.80
N ARG A 688 -20.37 15.57 25.75
CA ARG A 688 -20.29 17.03 25.86
C ARG A 688 -20.99 17.71 24.68
N LEU A 689 -20.75 17.22 23.47
CA LEU A 689 -21.38 17.80 22.29
C LEU A 689 -22.90 17.67 22.36
N TRP A 690 -23.39 16.53 22.85
CA TRP A 690 -24.83 16.33 22.99
C TRP A 690 -25.40 17.29 24.04
N ARG A 691 -24.69 17.45 25.16
CA ARG A 691 -25.15 18.36 26.20
C ARG A 691 -25.09 19.82 25.75
N THR A 692 -24.08 20.19 24.96
CA THR A 692 -23.96 21.56 24.48
C THR A 692 -25.17 21.96 23.65
N VAL A 693 -25.62 21.07 22.76
CA VAL A 693 -26.79 21.37 21.94
C VAL A 693 -28.06 21.33 22.78
N TYR A 694 -28.16 20.35 23.69
CA TYR A 694 -29.35 20.23 24.53
C TYR A 694 -29.54 21.46 25.41
N GLU A 695 -28.47 21.89 26.09
CA GLU A 695 -28.58 23.06 26.97
C GLU A 695 -28.85 24.33 26.18
N TYR A 696 -28.43 24.38 24.91
CA TYR A 696 -28.73 25.54 24.07
C TYR A 696 -30.22 25.60 23.75
N LEU A 697 -30.80 24.47 23.34
CA LEU A 697 -32.23 24.42 23.04
C LEU A 697 -33.09 24.50 24.30
N LYS A 698 -32.52 24.20 25.47
CA LYS A 698 -33.27 24.25 26.71
C LYS A 698 -33.56 25.67 27.18
N GLN A 699 -32.93 26.68 26.57
CA GLN A 699 -33.11 28.07 26.96
C GLN A 699 -33.53 28.89 25.72
N GLY A 700 -34.71 28.58 25.21
CA GLY A 700 -35.25 29.37 24.12
C GLY A 700 -35.58 28.59 22.85
N GLY A 701 -34.75 27.60 22.53
CA GLY A 701 -34.94 26.84 21.31
C GLY A 701 -34.15 27.42 20.14
N ALA A 702 -34.35 26.80 18.99
CA ALA A 702 -33.59 27.18 17.81
C ALA A 702 -34.03 28.54 17.28
N VAL A 703 -33.09 29.24 16.66
CA VAL A 703 -33.33 30.52 16.01
C VAL A 703 -32.65 30.50 14.64
N LYS A 704 -32.81 31.58 13.90
CA LYS A 704 -32.13 31.73 12.62
C LYS A 704 -30.67 32.07 12.88
N ALA A 705 -29.76 31.24 12.36
CA ALA A 705 -28.34 31.47 12.57
C ALA A 705 -27.92 32.82 11.99
N PHE A 706 -26.96 33.45 12.64
CA PHE A 706 -26.50 34.77 12.22
C PHE A 706 -25.92 34.70 10.81
N ALA A 707 -26.17 35.76 10.04
CA ALA A 707 -25.69 35.83 8.66
C ALA A 707 -25.67 37.28 8.22
N GLY A 708 -24.68 37.64 7.42
CA GLY A 708 -24.60 38.94 6.82
C GLY A 708 -23.63 39.88 7.52
N ASN A 709 -23.90 41.17 7.35
CA ASN A 709 -23.07 42.23 7.93
C ASN A 709 -23.05 42.11 9.44
N GLN A 710 -21.84 41.97 10.00
CA GLN A 710 -21.68 41.80 11.44
C GLN A 710 -21.36 43.11 12.15
N ASP A 711 -21.45 44.24 11.47
CA ASP A 711 -21.27 45.52 12.14
C ASP A 711 -22.34 45.72 13.21
N GLY A 712 -21.93 46.26 14.35
CA GLY A 712 -22.81 46.41 15.49
C GLY A 712 -22.76 45.27 16.47
N LEU A 713 -22.19 44.13 16.10
CA LEU A 713 -22.02 43.04 17.06
C LEU A 713 -20.97 43.41 18.11
N SER A 714 -21.11 42.81 19.28
CA SER A 714 -20.17 43.06 20.36
C SER A 714 -18.80 42.47 20.03
N LYS A 715 -17.78 42.98 20.72
CA LYS A 715 -16.43 42.44 20.55
C LYS A 715 -16.38 40.95 20.87
N GLU A 716 -17.14 40.52 21.88
CA GLU A 716 -17.14 39.12 22.28
C GLU A 716 -17.77 38.24 21.21
N LEU A 717 -18.93 38.65 20.69
CA LEU A 717 -19.59 37.86 19.65
C LEU A 717 -18.84 37.93 18.32
N LYS A 718 -18.18 39.05 18.05
CA LYS A 718 -17.36 39.13 16.84
C LYS A 718 -16.16 38.19 16.91
N ASP A 719 -15.56 38.05 18.09
CA ASP A 719 -14.43 37.14 18.25
C ASP A 719 -14.86 35.69 18.08
N LEU A 720 -16.10 35.36 18.46
CA LEU A 720 -16.58 34.00 18.29
C LEU A 720 -16.84 33.67 16.82
N ARG A 721 -17.38 34.63 16.07
CA ARG A 721 -17.56 34.43 14.63
C ARG A 721 -16.22 34.28 13.93
N HIS A 722 -15.21 35.04 14.37
CA HIS A 722 -13.88 34.89 13.80
C HIS A 722 -13.33 33.49 14.09
N LYS A 723 -13.51 33.00 15.31
CA LYS A 723 -13.09 31.64 15.63
C LYS A 723 -13.89 30.61 14.85
N LEU A 724 -15.16 30.89 14.59
CA LEU A 724 -16.01 29.94 13.88
C LEU A 724 -15.54 29.76 12.44
N HIS A 725 -15.41 30.86 11.70
CA HIS A 725 -15.01 30.76 10.30
C HIS A 725 -13.52 30.48 10.13
N SER A 726 -12.72 30.66 11.19
CA SER A 726 -11.35 30.17 11.15
C SER A 726 -11.32 28.64 11.26
N THR A 727 -12.18 28.08 12.10
CA THR A 727 -12.25 26.63 12.24
C THR A 727 -12.77 25.98 10.96
N THR A 728 -13.78 26.60 10.32
CA THR A 728 -14.29 26.06 9.08
C THR A 728 -13.21 26.03 8.00
N ALA A 729 -12.42 27.09 7.90
CA ALA A 729 -11.32 27.09 6.93
C ALA A 729 -10.22 26.11 7.33
N LYS A 730 -9.98 25.95 8.64
CA LYS A 730 -8.94 25.03 9.08
C LYS A 730 -9.36 23.58 8.88
N VAL A 731 -10.63 23.28 9.13
CA VAL A 731 -11.11 21.90 8.96
C VAL A 731 -11.18 21.53 7.48
N SER A 732 -11.65 22.46 6.63
CA SER A 732 -11.72 22.18 5.20
C SER A 732 -10.34 21.90 4.62
N ASP A 733 -9.32 22.64 5.06
CA ASP A 733 -7.97 22.38 4.59
C ASP A 733 -7.42 21.10 5.18
N ASP A 734 -7.88 20.70 6.37
CA ASP A 734 -7.44 19.45 6.97
C ASP A 734 -8.08 18.24 6.30
N TYR A 735 -9.28 18.40 5.74
CA TYR A 735 -9.94 17.29 5.07
C TYR A 735 -9.44 17.14 3.62
N GLY A 736 -9.47 18.24 2.86
CA GLY A 736 -9.20 18.15 1.44
C GLY A 736 -7.74 18.14 1.06
N ARG A 737 -6.90 18.82 1.82
CA ARG A 737 -5.49 18.99 1.47
C ARG A 737 -4.56 18.20 2.37
N ARG A 738 -4.50 18.53 3.67
CA ARG A 738 -3.56 17.87 4.55
CA ARG A 738 -3.55 17.87 4.55
C ARG A 738 -3.95 16.44 4.86
N GLN A 739 -5.25 16.13 4.87
CA GLN A 739 -5.76 14.81 5.21
C GLN A 739 -5.27 14.36 6.59
N GLN A 740 -5.23 15.31 7.52
CA GLN A 740 -4.93 15.04 8.93
C GLN A 740 -6.22 15.30 9.71
N PHE A 741 -6.89 14.21 10.09
CA PHE A 741 -8.21 14.32 10.70
C PHE A 741 -8.16 14.53 12.21
N ASN A 742 -7.02 14.25 12.85
CA ASN A 742 -6.92 14.47 14.29
C ASN A 742 -6.78 15.95 14.60
N THR A 743 -6.12 16.72 13.73
CA THR A 743 -5.98 18.15 13.97
C THR A 743 -7.29 18.88 13.75
N ALA A 744 -8.12 18.40 12.82
CA ALA A 744 -9.41 19.05 12.57
C ALA A 744 -10.38 18.84 13.73
N ILE A 745 -10.29 17.69 14.42
CA ILE A 745 -11.14 17.46 15.58
C ILE A 745 -10.80 18.44 16.70
N ALA A 746 -9.52 18.64 16.96
CA ALA A 746 -9.11 19.61 17.98
C ALA A 746 -9.49 21.03 17.60
N ALA A 747 -9.55 21.33 16.30
CA ALA A 747 -9.98 22.64 15.86
C ALA A 747 -11.44 22.89 16.23
N VAL A 748 -12.30 21.91 16.02
CA VAL A 748 -13.69 22.03 16.44
C VAL A 748 -13.79 22.04 17.96
N MET A 749 -12.89 21.32 18.64
CA MET A 749 -12.88 21.33 20.10
C MET A 749 -12.53 22.71 20.64
N GLU A 750 -11.59 23.40 20.00
CA GLU A 750 -11.22 24.74 20.44
C GLU A 750 -12.32 25.75 20.15
N LEU A 751 -13.11 25.51 19.09
CA LEU A 751 -14.24 26.38 18.83
C LEU A 751 -15.31 26.25 19.92
N LEU A 752 -15.57 25.03 20.38
CA LEU A 752 -16.51 24.83 21.47
C LEU A 752 -15.98 25.37 22.80
N ASN A 753 -14.65 25.46 22.95
CA ASN A 753 -14.09 26.05 24.16
C ASN A 753 -14.44 27.52 24.26
N GLN A 754 -14.18 28.29 23.19
CA GLN A 754 -14.49 29.71 23.19
C GLN A 754 -15.99 29.96 23.26
N TYR A 755 -16.79 29.09 22.64
CA TYR A 755 -18.24 29.20 22.78
C TYR A 755 -18.67 29.05 24.23
N ASP A 756 -18.04 28.14 24.96
CA ASP A 756 -18.37 27.96 26.38
C ASP A 756 -17.99 29.17 27.21
N LYS A 757 -16.99 29.93 26.77
CA LYS A 757 -16.51 31.10 27.49
C LYS A 757 -17.18 32.39 27.02
N THR A 758 -18.20 32.31 26.18
CA THR A 758 -18.84 33.48 25.59
C THR A 758 -20.30 33.56 26.02
N ASP A 759 -20.71 34.74 26.47
CA ASP A 759 -22.10 34.97 26.86
C ASP A 759 -22.95 35.09 25.59
N THR A 760 -23.78 34.09 25.33
CA THR A 760 -24.64 34.05 24.16
C THR A 760 -26.11 34.23 24.55
N GLY A 761 -26.38 34.97 25.62
CA GLY A 761 -27.73 35.10 26.12
C GLY A 761 -28.57 36.15 25.43
N SER A 762 -27.95 37.13 24.77
CA SER A 762 -28.70 38.20 24.13
C SER A 762 -29.41 37.68 22.88
N GLU A 763 -30.22 38.55 22.29
CA GLU A 763 -30.92 38.19 21.06
C GLU A 763 -29.93 37.94 19.93
N GLN A 764 -28.95 38.84 19.77
CA GLN A 764 -27.88 38.61 18.80
C GLN A 764 -26.94 37.50 19.25
N GLY A 765 -26.88 37.23 20.56
CA GLY A 765 -26.04 36.15 21.03
C GLY A 765 -26.59 34.78 20.68
N ARG A 766 -27.92 34.63 20.74
CA ARG A 766 -28.55 33.37 20.35
C ARG A 766 -28.32 33.07 18.89
N ALA A 767 -28.29 34.10 18.04
CA ALA A 767 -28.10 33.88 16.61
C ALA A 767 -26.67 33.43 16.29
N VAL A 768 -25.69 33.99 17.00
CA VAL A 768 -24.30 33.57 16.81
C VAL A 768 -24.10 32.16 17.35
N ALA A 769 -24.76 31.83 18.46
CA ALA A 769 -24.67 30.49 19.00
C ALA A 769 -25.25 29.47 18.02
N GLN A 770 -26.37 29.81 17.37
CA GLN A 770 -26.95 28.92 16.38
C GLN A 770 -26.00 28.72 15.19
N GLU A 771 -25.31 29.79 14.79
CA GLU A 771 -24.37 29.68 13.68
C GLU A 771 -23.17 28.81 14.04
N VAL A 772 -22.72 28.89 15.29
CA VAL A 772 -21.61 28.07 15.75
C VAL A 772 -22.00 26.59 15.75
N LEU A 773 -23.17 26.29 16.32
CA LEU A 773 -23.57 24.89 16.46
C LEU A 773 -23.92 24.26 15.12
N GLU A 774 -24.62 25.00 14.26
CA GLU A 774 -25.01 24.46 12.95
C GLU A 774 -23.77 24.15 12.10
N ALA A 775 -22.68 24.88 12.30
CA ALA A 775 -21.46 24.61 11.57
C ALA A 775 -20.66 23.49 12.21
N ALA A 776 -20.62 23.45 13.55
CA ALA A 776 -19.84 22.43 14.24
C ALA A 776 -20.38 21.03 14.00
N VAL A 777 -21.71 20.89 13.86
CA VAL A 777 -22.27 19.57 13.57
C VAL A 777 -22.00 19.17 12.13
N ARG A 778 -21.90 20.14 11.22
CA ARG A 778 -21.56 19.82 9.84
C ARG A 778 -20.06 19.60 9.66
N LEU A 779 -19.24 20.25 10.49
CA LEU A 779 -17.80 20.02 10.42
C LEU A 779 -17.43 18.66 10.98
N LEU A 780 -18.23 18.11 11.89
CA LEU A 780 -17.97 16.82 12.50
C LEU A 780 -18.79 15.69 11.87
N TRP A 781 -19.67 16.02 10.92
CA TRP A 781 -20.51 14.98 10.31
C TRP A 781 -19.72 13.89 9.59
N PRO A 782 -18.65 14.18 8.83
CA PRO A 782 -17.91 13.07 8.22
C PRO A 782 -17.28 12.11 9.22
N ILE A 783 -16.98 12.57 10.42
CA ILE A 783 -16.32 11.72 11.41
C ILE A 783 -17.33 10.97 12.28
N VAL A 784 -18.35 11.67 12.76
CA VAL A 784 -19.38 11.07 13.61
C VAL A 784 -20.75 11.40 13.02
N PRO A 785 -21.15 10.73 11.94
CA PRO A 785 -22.39 11.14 11.24
C PRO A 785 -23.66 10.88 12.03
N HIS A 786 -23.68 9.89 12.91
CA HIS A 786 -24.92 9.56 13.61
C HIS A 786 -25.36 10.68 14.54
N ILE A 787 -24.48 11.07 15.48
CA ILE A 787 -24.85 12.08 16.45
C ILE A 787 -25.02 13.45 15.80
N CYS A 788 -24.24 13.74 14.75
CA CYS A 788 -24.39 15.02 14.07
C CYS A 788 -25.70 15.08 13.30
N GLU A 789 -26.10 13.96 12.68
CA GLU A 789 -27.40 13.92 12.02
C GLU A 789 -28.53 14.16 13.01
N THR A 790 -28.43 13.57 14.20
CA THR A 790 -29.47 13.73 15.21
C THR A 790 -29.50 15.15 15.75
N LEU A 791 -28.32 15.73 16.02
CA LEU A 791 -28.26 17.07 16.59
C LEU A 791 -28.66 18.12 15.57
N TRP A 792 -28.31 17.92 14.30
CA TRP A 792 -28.65 18.90 13.27
C TRP A 792 -30.15 19.02 13.09
N SER A 793 -30.88 17.88 13.11
CA SER A 793 -32.33 17.91 12.99
C SER A 793 -32.99 18.62 14.16
N GLU A 794 -32.29 18.76 15.29
CA GLU A 794 -32.84 19.52 16.40
C GLU A 794 -32.58 21.02 16.26
N LEU A 795 -31.51 21.41 15.57
CA LEU A 795 -31.17 22.80 15.38
C LEU A 795 -31.81 23.40 14.13
N ASN A 796 -31.78 22.66 13.02
CA ASN A 796 -32.31 23.12 11.75
C ASN A 796 -33.21 22.04 11.17
N GLY A 797 -34.20 22.47 10.39
CA GLY A 797 -35.15 21.55 9.81
C GLY A 797 -34.81 21.11 8.39
N ALA A 798 -33.87 21.80 7.76
CA ALA A 798 -33.44 21.42 6.44
C ALA A 798 -32.61 20.14 6.48
N LYS A 799 -32.52 19.47 5.33
CA LYS A 799 -31.72 18.26 5.26
C LYS A 799 -30.24 18.60 5.30
N LEU A 800 -29.47 17.86 6.09
CA LEU A 800 -28.08 18.20 6.35
C LEU A 800 -27.27 18.22 5.05
N TRP A 801 -27.44 17.19 4.21
CA TRP A 801 -26.67 17.12 2.97
C TRP A 801 -27.07 18.19 1.97
N GLU A 802 -28.26 18.78 2.12
CA GLU A 802 -28.65 19.90 1.27
C GLU A 802 -28.21 21.25 1.82
N ALA A 803 -27.98 21.35 3.13
CA ALA A 803 -27.36 22.55 3.67
C ALA A 803 -25.93 22.69 3.18
N GLY A 804 -25.22 21.58 3.05
CA GLY A 804 -23.89 21.57 2.47
C GLY A 804 -22.79 21.88 3.46
N TRP A 805 -21.58 21.81 2.94
CA TRP A 805 -20.39 22.10 3.75
C TRP A 805 -20.44 23.56 4.21
N PRO A 806 -20.04 23.85 5.44
CA PRO A 806 -20.08 25.24 5.92
C PRO A 806 -19.21 26.15 5.07
N THR A 807 -19.77 27.31 4.74
CA THR A 807 -19.05 28.31 3.96
C THR A 807 -18.30 29.26 4.88
N VAL A 808 -17.15 29.73 4.41
CA VAL A 808 -16.34 30.67 5.17
C VAL A 808 -16.81 32.09 4.86
N ASP A 809 -17.16 32.83 5.91
CA ASP A 809 -17.51 34.24 5.78
C ASP A 809 -16.24 35.05 6.00
N GLU A 810 -15.62 35.47 4.90
CA GLU A 810 -14.34 36.17 4.97
C GLU A 810 -14.46 37.52 5.69
N ALA A 811 -15.66 38.08 5.77
CA ALA A 811 -15.84 39.33 6.49
C ALA A 811 -15.60 39.16 7.99
N ALA A 812 -15.95 38.00 8.54
CA ALA A 812 -15.73 37.73 9.95
C ALA A 812 -14.26 37.56 10.31
N LEU A 813 -13.38 37.45 9.31
CA LEU A 813 -11.95 37.33 9.56
C LEU A 813 -11.23 38.67 9.54
N VAL A 814 -11.79 39.67 8.86
CA VAL A 814 -11.17 40.98 8.77
C VAL A 814 -11.35 41.71 10.10
N LYS A 815 -10.24 42.17 10.66
CA LYS A 815 -10.27 42.89 11.93
C LYS A 815 -10.62 44.36 11.70
N SER A 816 -11.22 44.97 12.72
CA SER A 816 -11.65 46.36 12.65
C SER A 816 -10.49 47.28 13.00
N GLU A 817 -10.16 48.19 12.09
CA GLU A 817 -9.08 49.15 12.29
C GLU A 817 -9.65 50.50 12.70
N ILE A 818 -8.83 51.28 13.39
CA ILE A 818 -9.19 52.61 13.86
C ILE A 818 -8.06 53.55 13.44
N GLU A 819 -8.23 54.22 12.30
CA GLU A 819 -7.22 55.15 11.83
C GLU A 819 -7.12 56.35 12.76
N VAL A 820 -5.89 56.84 12.94
CA VAL A 820 -5.65 57.93 13.87
C VAL A 820 -4.53 58.80 13.32
N MET A 821 -4.56 60.08 13.69
CA MET A 821 -3.51 61.03 13.35
C MET A 821 -2.60 61.23 14.55
N VAL A 822 -1.31 61.44 14.26
CA VAL A 822 -0.28 61.57 15.30
C VAL A 822 0.51 62.83 15.02
N GLN A 823 0.33 63.86 15.86
CA GLN A 823 1.01 65.14 15.71
C GLN A 823 1.81 65.42 16.96
N VAL A 824 3.10 65.67 16.79
CA VAL A 824 3.98 66.02 17.90
C VAL A 824 4.06 67.53 17.98
N ASN A 825 3.68 68.08 19.15
CA ASN A 825 3.67 69.52 19.39
C ASN A 825 2.73 70.26 18.43
N GLY A 826 1.62 69.62 18.06
CA GLY A 826 0.59 70.25 17.27
C GLY A 826 0.73 70.08 15.77
N LYS A 827 1.92 69.77 15.28
CA LYS A 827 2.16 69.61 13.85
C LYS A 827 2.22 68.13 13.50
N LEU A 828 1.45 67.74 12.48
CA LEU A 828 1.41 66.35 12.03
C LEU A 828 2.73 65.95 11.38
N ALA A 841 -4.40 53.53 26.05
CA ALA A 841 -2.99 53.31 26.36
C ALA A 841 -2.29 52.60 25.21
N ASP A 842 -3.05 51.79 24.47
CA ASP A 842 -2.48 51.09 23.33
C ASP A 842 -2.17 52.04 22.18
N LEU A 843 -2.94 53.12 22.06
CA LEU A 843 -2.65 54.11 21.02
C LEU A 843 -1.35 54.84 21.31
N GLU A 844 -1.05 55.10 22.59
CA GLU A 844 0.22 55.73 22.94
C GLU A 844 1.39 54.79 22.68
N ALA A 845 1.16 53.48 22.74
CA ALA A 845 2.25 52.53 22.47
C ALA A 845 2.59 52.50 20.99
N ALA A 846 1.58 52.54 20.12
CA ALA A 846 1.84 52.59 18.68
C ALA A 846 2.34 53.96 18.25
N ALA A 847 1.86 55.03 18.89
CA ALA A 847 2.34 56.38 18.60
C ALA A 847 3.70 56.66 19.23
N LEU A 848 4.18 55.81 20.13
CA LEU A 848 5.57 55.87 20.57
C LEU A 848 6.46 54.96 19.75
N ALA A 849 5.90 53.89 19.18
CA ALA A 849 6.59 53.15 18.13
C ALA A 849 6.68 53.94 16.84
N ASN A 850 5.99 55.07 16.75
CA ASN A 850 6.09 56.01 15.64
C ASN A 850 7.53 56.46 15.44
N ILE A 865 1.70 63.51 26.91
CA ILE A 865 1.08 62.78 25.81
C ILE A 865 -0.34 62.36 26.19
N ILE A 866 -1.30 63.22 25.91
CA ILE A 866 -2.72 62.95 26.15
C ILE A 866 -3.41 62.77 24.80
N VAL A 867 -4.27 61.76 24.71
CA VAL A 867 -4.91 61.40 23.45
C VAL A 867 -6.41 61.59 23.60
N VAL A 868 -7.02 62.23 22.60
CA VAL A 868 -8.49 62.29 22.52
C VAL A 868 -8.99 60.95 21.99
N PRO A 869 -9.94 60.30 22.68
CA PRO A 869 -10.31 58.92 22.33
C PRO A 869 -10.83 58.75 20.91
N GLY A 870 -10.04 58.08 20.07
CA GLY A 870 -10.54 57.66 18.78
C GLY A 870 -9.76 58.14 17.56
N ARG A 871 -9.41 59.42 17.52
CA ARG A 871 -8.89 60.02 16.29
C ARG A 871 -7.57 60.75 16.44
N LEU A 872 -7.15 61.16 17.63
CA LEU A 872 -5.98 62.01 17.79
C LEU A 872 -5.06 61.47 18.87
N VAL A 873 -3.77 61.40 18.57
CA VAL A 873 -2.73 61.17 19.56
C VAL A 873 -1.71 62.30 19.43
N ASN A 874 -1.29 62.87 20.55
CA ASN A 874 -0.41 64.02 20.57
C ASN A 874 0.80 63.71 21.43
N ILE A 875 1.99 63.86 20.84
CA ILE A 875 3.24 63.57 21.53
C ILE A 875 3.74 64.87 22.17
N VAL A 876 3.74 64.92 23.50
CA VAL A 876 4.28 66.07 24.23
C VAL A 876 5.79 66.10 24.02
N VAL A 877 6.24 66.89 23.04
CA VAL A 877 7.64 66.96 22.67
C VAL A 877 8.48 67.49 23.83
#